data_1ABZ
#
_entry.id   1ABZ
#
_cell.length_a   1.000
_cell.length_b   1.000
_cell.length_c   1.000
_cell.angle_alpha   90.00
_cell.angle_beta   90.00
_cell.angle_gamma   90.00
#
_symmetry.space_group_name_H-M   'P 1'
#
_entity_poly.entity_id   1
_entity_poly.type   'polypeptide(L)'
_entity_poly.pdbx_seq_one_letter_code
;(SIN)DWLKARVEQELQALEARGTDSNAELRAMEAKLKAEIQK(NH2)
;
_entity_poly.pdbx_strand_id   A
#
# COMPACT_ATOMS: atom_id res chain seq x y z
N ASP A 2 -1.86 -10.75 9.10
CA ASP A 2 -2.94 -10.32 8.16
C ASP A 2 -3.37 -8.89 8.50
N TRP A 3 -3.44 -8.57 9.77
CA TRP A 3 -3.87 -7.20 10.16
C TRP A 3 -3.01 -6.15 9.45
N LEU A 4 -1.78 -6.47 9.16
CA LEU A 4 -0.91 -5.48 8.48
C LEU A 4 -1.54 -5.05 7.16
N LYS A 5 -2.15 -5.97 6.44
CA LYS A 5 -2.78 -5.58 5.16
C LYS A 5 -3.58 -4.29 5.41
N ALA A 6 -4.19 -4.19 6.56
CA ALA A 6 -4.95 -2.95 6.88
C ALA A 6 -3.96 -1.83 7.16
N ARG A 7 -2.90 -2.13 7.88
CA ARG A 7 -1.87 -1.10 8.18
C ARG A 7 -1.44 -0.43 6.87
N VAL A 8 -1.50 -1.15 5.78
CA VAL A 8 -1.09 -0.59 4.47
C VAL A 8 -2.24 0.20 3.86
N GLU A 9 -3.44 -0.29 3.98
CA GLU A 9 -4.61 0.43 3.39
C GLU A 9 -4.67 1.85 3.97
N GLN A 10 -4.72 1.96 5.27
CA GLN A 10 -4.78 3.31 5.89
C GLN A 10 -3.58 4.13 5.41
N GLU A 11 -2.52 3.47 5.04
CA GLU A 11 -1.32 4.20 4.55
C GLU A 11 -1.62 4.88 3.22
N LEU A 12 -1.88 4.11 2.19
CA LEU A 12 -2.18 4.71 0.87
C LEU A 12 -3.61 5.24 0.83
N GLN A 13 -4.31 5.16 1.94
CA GLN A 13 -5.71 5.66 1.97
C GLN A 13 -5.71 7.19 1.97
N ALA A 14 -5.07 7.79 2.92
CA ALA A 14 -5.03 9.27 2.99
C ALA A 14 -4.11 9.81 1.89
N LEU A 15 -3.11 9.07 1.51
CA LEU A 15 -2.18 9.55 0.45
C LEU A 15 -2.92 9.63 -0.88
N GLU A 16 -3.49 8.55 -1.33
CA GLU A 16 -4.22 8.57 -2.63
C GLU A 16 -5.51 9.38 -2.48
N ALA A 17 -5.92 9.65 -1.27
CA ALA A 17 -7.16 10.45 -1.07
C ALA A 17 -6.93 11.88 -1.52
N ARG A 18 -5.71 12.36 -1.43
CA ARG A 18 -5.43 13.76 -1.87
C ARG A 18 -4.21 13.76 -2.80
N GLY A 19 -4.04 12.72 -3.56
CA GLY A 19 -2.87 12.67 -4.49
C GLY A 19 -3.36 12.39 -5.91
N THR A 20 -3.25 13.34 -6.79
CA THR A 20 -3.71 13.12 -8.19
C THR A 20 -2.49 12.85 -9.08
N ASP A 21 -1.59 12.02 -8.63
CA ASP A 21 -0.39 11.71 -9.46
C ASP A 21 0.26 10.42 -8.97
N SER A 22 -0.49 9.35 -8.93
CA SER A 22 0.08 8.05 -8.45
C SER A 22 -0.85 6.91 -8.85
N ASN A 23 -1.47 7.00 -9.98
CA ASN A 23 -2.40 5.91 -10.41
C ASN A 23 -1.61 4.83 -11.15
N ALA A 24 -0.32 4.87 -11.05
CA ALA A 24 0.51 3.86 -11.74
C ALA A 24 1.40 3.15 -10.72
N GLU A 25 1.98 3.89 -9.81
CA GLU A 25 2.86 3.26 -8.78
C GLU A 25 2.03 2.34 -7.88
N LEU A 26 0.73 2.41 -7.98
CA LEU A 26 -0.14 1.56 -7.12
C LEU A 26 0.29 0.09 -7.26
N ARG A 27 0.52 -0.35 -8.46
CA ARG A 27 0.93 -1.77 -8.66
C ARG A 27 2.23 -2.06 -7.87
N ALA A 28 3.29 -1.37 -8.20
CA ALA A 28 4.57 -1.59 -7.48
C ALA A 28 4.31 -1.65 -5.97
N MET A 29 3.26 -1.04 -5.51
CA MET A 29 2.96 -1.08 -4.05
C MET A 29 2.50 -2.49 -3.64
N GLU A 30 1.49 -3.00 -4.29
CA GLU A 30 1.00 -4.36 -3.93
C GLU A 30 2.20 -5.32 -3.79
N ALA A 31 3.21 -5.14 -4.60
CA ALA A 31 4.39 -6.04 -4.52
C ALA A 31 4.98 -6.00 -3.10
N LYS A 32 5.35 -4.84 -2.63
CA LYS A 32 5.92 -4.75 -1.26
C LYS A 32 4.91 -5.23 -0.23
N LEU A 33 3.64 -5.20 -0.58
CA LEU A 33 2.60 -5.65 0.39
C LEU A 33 3.00 -7.00 1.01
N LYS A 34 2.96 -8.05 0.23
CA LYS A 34 3.33 -9.39 0.76
C LYS A 34 4.76 -9.34 1.34
N ALA A 35 5.61 -8.54 0.76
CA ALA A 35 7.02 -8.46 1.27
C ALA A 35 7.00 -8.16 2.77
N GLU A 36 6.05 -7.38 3.22
CA GLU A 36 6.00 -7.06 4.68
C GLU A 36 5.47 -8.26 5.46
N ILE A 37 4.48 -8.94 4.94
CA ILE A 37 3.92 -10.12 5.65
C ILE A 37 5.04 -11.11 5.97
N GLN A 38 6.13 -11.05 5.25
CA GLN A 38 7.25 -12.00 5.51
C GLN A 38 8.15 -11.44 6.62
N LYS A 39 7.57 -10.90 7.65
CA LYS A 39 8.40 -10.34 8.76
C LYS A 39 7.51 -9.50 9.69
N ASP A 2 0.61 -9.52 10.02
CA ASP A 2 -0.86 -9.65 9.84
C ASP A 2 -1.50 -8.26 9.96
N TRP A 3 -1.42 -7.66 11.11
CA TRP A 3 -2.03 -6.32 11.28
C TRP A 3 -1.33 -5.32 10.35
N LEU A 4 -0.09 -5.57 10.02
CA LEU A 4 0.65 -4.64 9.15
C LEU A 4 -0.08 -4.54 7.79
N LYS A 5 -0.85 -5.52 7.43
CA LYS A 5 -1.59 -5.43 6.15
C LYS A 5 -2.40 -4.14 6.20
N ALA A 6 -2.93 -3.86 7.36
CA ALA A 6 -3.71 -2.61 7.56
C ALA A 6 -2.75 -1.43 7.48
N ARG A 7 -1.54 -1.62 7.93
CA ARG A 7 -0.52 -0.53 7.89
C ARG A 7 -0.29 -0.10 6.44
N VAL A 8 -0.30 -1.05 5.54
CA VAL A 8 -0.09 -0.72 4.10
C VAL A 8 -1.35 -0.08 3.52
N GLU A 9 -2.49 -0.65 3.81
CA GLU A 9 -3.76 -0.08 3.27
C GLU A 9 -3.82 1.41 3.57
N GLN A 10 -3.50 1.81 4.77
CA GLN A 10 -3.53 3.25 5.12
C GLN A 10 -2.57 4.03 4.22
N GLU A 11 -1.32 3.64 4.21
CA GLU A 11 -0.32 4.34 3.35
C GLU A 11 -0.89 4.56 1.96
N LEU A 12 -1.58 3.59 1.42
CA LEU A 12 -2.16 3.74 0.05
C LEU A 12 -3.30 4.76 0.07
N GLN A 13 -4.09 4.76 1.10
CA GLN A 13 -5.23 5.72 1.16
C GLN A 13 -4.69 7.15 1.22
N ALA A 14 -3.49 7.32 1.71
CA ALA A 14 -2.91 8.69 1.81
C ALA A 14 -2.44 9.15 0.42
N LEU A 15 -1.60 8.38 -0.21
CA LEU A 15 -1.09 8.78 -1.55
C LEU A 15 -2.20 8.63 -2.60
N GLU A 16 -3.34 8.11 -2.21
CA GLU A 16 -4.45 7.94 -3.20
C GLU A 16 -5.63 8.83 -2.81
N ALA A 17 -5.66 9.33 -1.60
CA ALA A 17 -6.79 10.19 -1.17
C ALA A 17 -6.47 11.66 -1.49
N ARG A 18 -5.36 11.92 -2.12
CA ARG A 18 -5.01 13.33 -2.45
C ARG A 18 -4.32 13.40 -3.80
N GLY A 19 -4.54 12.42 -4.63
CA GLY A 19 -3.90 12.41 -5.98
C GLY A 19 -2.45 12.91 -5.87
N THR A 20 -1.53 12.03 -5.60
CA THR A 20 -0.11 12.45 -5.48
C THR A 20 0.81 11.33 -5.97
N ASP A 21 1.00 11.22 -7.25
CA ASP A 21 1.87 10.16 -7.80
C ASP A 21 1.35 8.80 -7.37
N SER A 22 0.15 8.47 -7.76
CA SER A 22 -0.42 7.14 -7.38
C SER A 22 -1.67 6.85 -8.22
N ASN A 23 -2.53 6.01 -7.73
CA ASN A 23 -3.76 5.67 -8.50
C ASN A 23 -3.36 5.06 -9.85
N ALA A 24 -2.13 4.66 -9.98
CA ALA A 24 -1.67 4.06 -11.24
C ALA A 24 -0.68 2.93 -10.95
N GLU A 25 0.34 3.20 -10.18
CA GLU A 25 1.34 2.14 -9.85
C GLU A 25 0.80 1.25 -8.74
N LEU A 26 -0.44 1.41 -8.36
CA LEU A 26 -1.00 0.57 -7.28
C LEU A 26 -0.75 -0.91 -7.61
N ARG A 27 -0.70 -1.25 -8.87
CA ARG A 27 -0.46 -2.67 -9.25
C ARG A 27 0.91 -3.11 -8.72
N ALA A 28 1.91 -2.28 -8.86
CA ALA A 28 3.25 -2.66 -8.37
C ALA A 28 3.21 -2.87 -6.85
N MET A 29 2.71 -1.91 -6.12
CA MET A 29 2.64 -2.06 -4.64
C MET A 29 1.82 -3.30 -4.28
N GLU A 30 1.02 -3.79 -5.20
CA GLU A 30 0.20 -4.99 -4.90
C GLU A 30 1.11 -6.21 -4.75
N ALA A 31 2.00 -6.43 -5.68
CA ALA A 31 2.91 -7.58 -5.58
C ALA A 31 3.73 -7.50 -4.29
N LYS A 32 4.27 -6.34 -3.99
CA LYS A 32 5.07 -6.19 -2.76
C LYS A 32 4.21 -6.49 -1.53
N LEU A 33 2.91 -6.41 -1.68
CA LEU A 33 2.01 -6.68 -0.53
C LEU A 33 2.51 -7.92 0.24
N LYS A 34 2.41 -9.07 -0.35
CA LYS A 34 2.87 -10.31 0.34
C LYS A 34 4.35 -10.18 0.69
N ALA A 35 5.08 -9.41 -0.06
CA ALA A 35 6.55 -9.26 0.23
C ALA A 35 6.74 -8.83 1.68
N GLU A 36 5.83 -8.05 2.20
CA GLU A 36 5.97 -7.59 3.63
C GLU A 36 5.57 -8.72 4.57
N ILE A 37 4.52 -9.43 4.25
CA ILE A 37 4.07 -10.54 5.13
C ILE A 37 5.24 -11.47 5.42
N GLN A 38 6.05 -11.76 4.44
CA GLN A 38 7.21 -12.66 4.65
C GLN A 38 8.05 -12.13 5.81
N LYS A 39 8.32 -10.85 5.83
CA LYS A 39 9.12 -10.28 6.94
C LYS A 39 8.35 -10.38 8.25
N ASP A 2 -1.51 12.82 -6.97
CA ASP A 2 -0.78 13.12 -5.71
C ASP A 2 -1.65 12.75 -4.51
N TRP A 3 -2.72 13.47 -4.29
CA TRP A 3 -3.58 13.14 -3.12
C TRP A 3 -3.95 11.66 -3.15
N LEU A 4 -3.94 11.06 -4.31
CA LEU A 4 -4.28 9.62 -4.39
C LEU A 4 -3.38 8.83 -3.45
N LYS A 5 -2.10 9.12 -3.48
CA LYS A 5 -1.16 8.39 -2.59
C LYS A 5 -1.80 8.20 -1.21
N ALA A 6 -2.56 9.18 -0.79
CA ALA A 6 -3.24 9.07 0.53
C ALA A 6 -4.35 8.02 0.44
N ARG A 7 -5.16 8.09 -0.59
CA ARG A 7 -6.26 7.10 -0.75
C ARG A 7 -5.67 5.69 -0.69
N VAL A 8 -4.58 5.47 -1.39
CA VAL A 8 -3.96 4.12 -1.41
C VAL A 8 -3.30 3.85 -0.04
N GLU A 9 -2.85 4.87 0.63
CA GLU A 9 -2.20 4.66 1.95
C GLU A 9 -3.27 4.21 2.97
N GLN A 10 -4.50 4.61 2.77
CA GLN A 10 -5.57 4.22 3.71
C GLN A 10 -5.84 2.72 3.56
N GLU A 11 -6.07 2.26 2.37
CA GLU A 11 -6.34 0.81 2.16
C GLU A 11 -5.14 0.00 2.65
N LEU A 12 -3.95 0.40 2.28
CA LEU A 12 -2.74 -0.36 2.72
C LEU A 12 -2.67 -0.36 4.25
N GLN A 13 -3.28 0.61 4.88
CA GLN A 13 -3.25 0.68 6.37
C GLN A 13 -4.01 -0.52 6.94
N ALA A 14 -5.11 -0.89 6.34
CA ALA A 14 -5.90 -2.03 6.86
C ALA A 14 -5.14 -3.35 6.60
N LEU A 15 -4.23 -3.33 5.67
CA LEU A 15 -3.46 -4.58 5.37
C LEU A 15 -2.42 -4.81 6.47
N GLU A 16 -1.51 -3.89 6.64
CA GLU A 16 -0.47 -4.07 7.69
C GLU A 16 -1.06 -3.73 9.06
N ALA A 17 -2.29 -3.29 9.10
CA ALA A 17 -2.91 -2.95 10.42
C ALA A 17 -3.21 -4.24 11.19
N ARG A 18 -3.78 -5.22 10.53
CA ARG A 18 -4.09 -6.50 11.23
C ARG A 18 -2.87 -7.42 11.17
N GLY A 19 -1.69 -6.88 11.37
CA GLY A 19 -0.47 -7.73 11.33
C GLY A 19 -0.53 -8.66 10.11
N THR A 20 -1.00 -9.86 10.30
CA THR A 20 -1.08 -10.80 9.15
C THR A 20 0.33 -11.13 8.66
N ASP A 21 1.30 -11.07 9.54
CA ASP A 21 2.69 -11.38 9.14
C ASP A 21 3.02 -10.62 7.85
N SER A 22 2.70 -9.35 7.81
CA SER A 22 2.98 -8.54 6.60
C SER A 22 4.12 -7.56 6.89
N ASN A 23 4.81 -7.76 7.98
CA ASN A 23 5.94 -6.83 8.33
C ASN A 23 7.22 -7.34 7.68
N ALA A 24 7.11 -8.14 6.67
CA ALA A 24 8.32 -8.67 5.98
C ALA A 24 8.31 -8.22 4.52
N GLU A 25 7.15 -8.24 3.90
CA GLU A 25 7.07 -7.82 2.48
C GLU A 25 6.87 -6.31 2.40
N LEU A 26 7.13 -5.61 3.48
CA LEU A 26 6.95 -4.13 3.47
C LEU A 26 7.71 -3.53 2.30
N ARG A 27 8.76 -4.18 1.86
CA ARG A 27 9.55 -3.64 0.72
C ARG A 27 8.85 -3.98 -0.60
N ALA A 28 8.20 -5.11 -0.66
CA ALA A 28 7.50 -5.50 -1.92
C ALA A 28 6.21 -4.70 -2.07
N MET A 29 5.79 -4.03 -1.03
CA MET A 29 4.54 -3.23 -1.11
C MET A 29 4.77 -2.00 -2.00
N GLU A 30 5.91 -1.38 -1.89
CA GLU A 30 6.19 -0.18 -2.73
C GLU A 30 6.09 -0.55 -4.20
N ALA A 31 6.46 -1.75 -4.56
CA ALA A 31 6.40 -2.16 -5.98
C ALA A 31 4.96 -2.08 -6.49
N LYS A 32 4.09 -2.87 -5.93
CA LYS A 32 2.66 -2.86 -6.38
C LYS A 32 2.07 -1.46 -6.18
N LEU A 33 2.61 -0.70 -5.25
CA LEU A 33 2.08 0.66 -5.01
C LEU A 33 2.03 1.43 -6.33
N LYS A 34 3.12 1.51 -7.03
CA LYS A 34 3.12 2.25 -8.33
C LYS A 34 2.04 1.66 -9.24
N ALA A 35 1.78 0.39 -9.14
CA ALA A 35 0.74 -0.23 -10.00
C ALA A 35 -0.64 0.31 -9.61
N GLU A 36 -0.84 0.60 -8.36
CA GLU A 36 -2.15 1.14 -7.91
C GLU A 36 -2.37 2.52 -8.51
N ILE A 37 -1.41 3.40 -8.37
CA ILE A 37 -1.57 4.77 -8.94
C ILE A 37 -1.85 4.68 -10.44
N GLN A 38 -1.25 3.71 -11.11
CA GLN A 38 -1.49 3.57 -12.57
C GLN A 38 -2.99 3.52 -12.85
N LYS A 39 -3.69 2.61 -12.24
CA LYS A 39 -5.16 2.51 -12.47
C LYS A 39 -5.77 3.93 -12.43
N ASP A 2 -0.10 -9.40 10.68
CA ASP A 2 -1.54 -9.33 10.27
C ASP A 2 -2.06 -7.90 10.47
N TRP A 3 -2.00 -7.40 11.68
CA TRP A 3 -2.50 -6.02 11.93
C TRP A 3 -1.90 -5.06 10.90
N LEU A 4 -0.71 -5.34 10.44
CA LEU A 4 -0.06 -4.43 9.46
C LEU A 4 -0.94 -4.28 8.23
N LYS A 5 -1.49 -5.35 7.74
CA LYS A 5 -2.37 -5.25 6.53
C LYS A 5 -3.42 -4.17 6.77
N ALA A 6 -3.82 -3.99 8.01
CA ALA A 6 -4.83 -2.95 8.32
C ALA A 6 -4.15 -1.59 8.45
N ARG A 7 -2.96 -1.56 9.00
CA ARG A 7 -2.24 -0.27 9.16
C ARG A 7 -1.38 0.00 7.93
N VAL A 8 -1.50 -0.81 6.90
CA VAL A 8 -0.68 -0.59 5.69
C VAL A 8 -1.42 0.33 4.72
N GLU A 9 -2.67 0.04 4.47
CA GLU A 9 -3.45 0.90 3.54
C GLU A 9 -3.67 2.27 4.17
N GLN A 10 -3.57 2.35 5.47
CA GLN A 10 -3.77 3.66 6.15
C GLN A 10 -2.55 4.56 5.94
N GLU A 11 -1.37 4.04 6.14
CA GLU A 11 -0.14 4.86 5.96
C GLU A 11 0.03 5.20 4.47
N LEU A 12 -0.34 4.31 3.59
CA LEU A 12 -0.19 4.59 2.14
C LEU A 12 -1.34 5.48 1.66
N GLN A 13 -2.38 5.61 2.44
CA GLN A 13 -3.52 6.46 2.01
C GLN A 13 -3.04 7.89 1.77
N ALA A 14 -1.88 8.23 2.27
CA ALA A 14 -1.35 9.60 2.08
C ALA A 14 -0.88 9.77 0.62
N LEU A 15 0.15 9.06 0.24
CA LEU A 15 0.66 9.18 -1.15
C LEU A 15 -0.46 8.90 -2.14
N GLU A 16 -1.25 7.88 -1.89
CA GLU A 16 -2.37 7.56 -2.83
C GLU A 16 -3.44 8.64 -2.74
N ALA A 17 -3.57 9.26 -1.60
CA ALA A 17 -4.60 10.33 -1.45
C ALA A 17 -4.34 11.44 -2.46
N ARG A 18 -3.10 11.73 -2.72
CA ARG A 18 -2.77 12.81 -3.71
C ARG A 18 -1.40 12.53 -4.33
N GLY A 19 -1.29 11.48 -5.09
CA GLY A 19 0.02 11.16 -5.73
C GLY A 19 -0.10 11.25 -7.25
N THR A 20 -1.03 12.03 -7.73
CA THR A 20 -1.19 12.16 -9.21
C THR A 20 -1.82 10.89 -9.77
N ASP A 21 -3.12 10.75 -9.67
CA ASP A 21 -3.79 9.53 -10.20
C ASP A 21 -2.98 8.30 -9.79
N SER A 22 -2.75 8.12 -8.52
CA SER A 22 -1.96 6.95 -8.06
C SER A 22 -2.88 5.72 -7.96
N ASN A 23 -4.07 5.81 -8.47
CA ASN A 23 -5.00 4.65 -8.40
C ASN A 23 -4.79 3.76 -9.62
N ALA A 24 -3.66 3.86 -10.25
CA ALA A 24 -3.38 3.03 -11.44
C ALA A 24 -2.15 2.17 -11.17
N GLU A 25 -1.10 2.75 -10.65
CA GLU A 25 0.13 1.98 -10.36
C GLU A 25 -0.12 1.09 -9.13
N LEU A 26 -1.19 1.32 -8.43
CA LEU A 26 -1.49 0.50 -7.22
C LEU A 26 -1.26 -0.98 -7.55
N ARG A 27 -1.38 -1.35 -8.80
CA ARG A 27 -1.18 -2.78 -9.17
C ARG A 27 0.22 -3.22 -8.71
N ALA A 28 1.25 -2.62 -9.24
CA ALA A 28 2.62 -3.00 -8.83
C ALA A 28 2.80 -2.78 -7.33
N MET A 29 2.09 -1.83 -6.77
CA MET A 29 2.22 -1.57 -5.31
C MET A 29 1.86 -2.83 -4.53
N GLU A 30 0.92 -3.60 -5.02
CA GLU A 30 0.53 -4.85 -4.30
C GLU A 30 1.73 -5.77 -4.21
N ALA A 31 2.49 -5.90 -5.28
CA ALA A 31 3.68 -6.79 -5.24
C ALA A 31 4.60 -6.37 -4.09
N LYS A 32 4.99 -5.13 -4.06
CA LYS A 32 5.89 -4.66 -2.96
C LYS A 32 5.16 -4.82 -1.62
N LEU A 33 3.86 -4.91 -1.64
CA LEU A 33 3.10 -5.06 -0.37
C LEU A 33 3.53 -6.35 0.34
N LYS A 34 3.67 -7.42 -0.40
CA LYS A 34 4.08 -8.70 0.24
C LYS A 34 5.39 -8.49 1.00
N ALA A 35 6.33 -7.81 0.40
CA ALA A 35 7.63 -7.56 1.09
C ALA A 35 7.39 -6.78 2.38
N GLU A 36 6.42 -5.90 2.37
CA GLU A 36 6.13 -5.10 3.60
C GLU A 36 5.67 -6.04 4.71
N ILE A 37 4.83 -6.99 4.39
CA ILE A 37 4.35 -7.93 5.43
C ILE A 37 5.54 -8.58 6.12
N GLN A 38 6.40 -9.21 5.38
CA GLN A 38 7.60 -9.86 5.98
C GLN A 38 8.32 -8.85 6.89
N LYS A 39 8.82 -7.79 6.32
CA LYS A 39 9.53 -6.78 7.14
C LYS A 39 8.53 -6.06 8.06
N ASP A 2 1.00 -12.46 8.03
CA ASP A 2 -0.33 -12.70 7.42
C ASP A 2 -1.31 -11.63 7.90
N TRP A 3 -1.43 -11.45 9.19
CA TRP A 3 -2.36 -10.42 9.71
C TRP A 3 -2.13 -9.10 8.98
N LEU A 4 -0.89 -8.79 8.70
CA LEU A 4 -0.58 -7.50 8.02
C LEU A 4 -1.36 -7.40 6.71
N LYS A 5 -1.42 -8.47 5.97
CA LYS A 5 -2.19 -8.41 4.69
C LYS A 5 -3.55 -7.77 4.95
N ALA A 6 -4.12 -8.03 6.10
CA ALA A 6 -5.45 -7.44 6.43
C ALA A 6 -5.30 -5.94 6.68
N ARG A 7 -4.42 -5.56 7.57
CA ARG A 7 -4.24 -4.11 7.86
C ARG A 7 -3.45 -3.45 6.73
N VAL A 8 -3.11 -4.18 5.71
CA VAL A 8 -2.34 -3.59 4.58
C VAL A 8 -3.32 -3.04 3.53
N GLU A 9 -4.42 -3.69 3.33
CA GLU A 9 -5.40 -3.21 2.32
C GLU A 9 -5.97 -1.87 2.76
N GLN A 10 -6.40 -1.77 3.99
CA GLN A 10 -6.97 -0.48 4.49
C GLN A 10 -5.90 0.62 4.42
N GLU A 11 -4.67 0.28 4.71
CA GLU A 11 -3.59 1.31 4.67
C GLU A 11 -3.49 1.88 3.26
N LEU A 12 -3.50 1.04 2.26
CA LEU A 12 -3.40 1.53 0.86
C LEU A 12 -4.53 2.52 0.57
N GLN A 13 -5.71 2.23 1.06
CA GLN A 13 -6.86 3.14 0.80
C GLN A 13 -6.74 4.37 1.71
N ALA A 14 -6.02 4.26 2.79
CA ALA A 14 -5.86 5.42 3.71
C ALA A 14 -5.10 6.53 2.99
N LEU A 15 -4.25 6.19 2.06
CA LEU A 15 -3.48 7.22 1.32
C LEU A 15 -4.38 7.84 0.24
N GLU A 16 -5.27 7.08 -0.32
CA GLU A 16 -6.16 7.62 -1.38
C GLU A 16 -7.05 8.72 -0.78
N ALA A 17 -7.68 8.45 0.33
CA ALA A 17 -8.57 9.47 0.96
C ALA A 17 -7.71 10.65 1.44
N ARG A 18 -6.41 10.51 1.41
CA ARG A 18 -5.54 11.63 1.86
C ARG A 18 -4.92 12.33 0.66
N GLY A 19 -5.64 12.40 -0.44
CA GLY A 19 -5.09 13.07 -1.65
C GLY A 19 -5.79 12.53 -2.90
N THR A 20 -6.04 13.37 -3.86
CA THR A 20 -6.72 12.91 -5.10
C THR A 20 -5.75 13.05 -6.28
N ASP A 21 -4.52 13.37 -6.02
CA ASP A 21 -3.53 13.52 -7.11
C ASP A 21 -2.39 12.52 -6.90
N SER A 22 -2.70 11.25 -6.81
CA SER A 22 -1.63 10.24 -6.60
C SER A 22 -2.24 8.85 -6.59
N ASN A 23 -3.31 8.64 -7.32
CA ASN A 23 -3.95 7.30 -7.36
C ASN A 23 -3.37 6.48 -8.50
N ALA A 24 -2.28 6.92 -9.05
CA ALA A 24 -1.64 6.19 -10.17
C ALA A 24 -0.32 5.60 -9.71
N GLU A 25 0.29 6.19 -8.72
CA GLU A 25 1.59 5.66 -8.23
C GLU A 25 1.33 4.60 -7.16
N LEU A 26 0.11 4.15 -7.03
CA LEU A 26 -0.21 3.12 -6.00
C LEU A 26 0.55 1.82 -6.34
N ARG A 27 0.98 1.68 -7.56
CA ARG A 27 1.72 0.44 -7.94
C ARG A 27 3.15 0.52 -7.41
N ALA A 28 3.67 1.71 -7.25
CA ALA A 28 5.06 1.85 -6.74
C ALA A 28 5.15 1.28 -5.33
N MET A 29 4.31 1.72 -4.44
CA MET A 29 4.34 1.19 -3.04
C MET A 29 3.92 -0.27 -3.04
N GLU A 30 3.29 -0.71 -4.09
CA GLU A 30 2.84 -2.13 -4.16
C GLU A 30 4.05 -3.07 -4.17
N ALA A 31 5.07 -2.73 -4.90
CA ALA A 31 6.28 -3.59 -4.94
C ALA A 31 6.88 -3.72 -3.54
N LYS A 32 7.38 -2.64 -3.01
CA LYS A 32 7.99 -2.71 -1.64
C LYS A 32 6.99 -3.30 -0.66
N LEU A 33 5.72 -3.19 -0.94
CA LEU A 33 4.69 -3.77 -0.01
C LEU A 33 5.01 -5.24 0.26
N LYS A 34 4.84 -6.08 -0.72
CA LYS A 34 5.12 -7.53 -0.52
C LYS A 34 6.59 -7.73 -0.15
N ALA A 35 7.40 -6.72 -0.31
CA ALA A 35 8.85 -6.86 0.03
C ALA A 35 9.04 -6.72 1.55
N GLU A 36 8.20 -5.97 2.20
CA GLU A 36 8.34 -5.80 3.67
C GLU A 36 7.56 -6.90 4.40
N ILE A 37 6.51 -7.37 3.81
CA ILE A 37 5.71 -8.44 4.48
C ILE A 37 6.64 -9.51 5.05
N GLN A 38 7.75 -9.74 4.41
CA GLN A 38 8.71 -10.77 4.90
C GLN A 38 9.21 -10.36 6.30
N LYS A 39 9.84 -9.23 6.41
CA LYS A 39 10.35 -8.78 7.73
C LYS A 39 9.20 -8.67 8.72
N ASP A 2 4.97 -2.33 13.50
CA ASP A 2 4.72 -3.51 12.63
C ASP A 2 3.24 -3.88 12.67
N TRP A 3 2.59 -3.65 13.77
CA TRP A 3 1.14 -3.99 13.88
C TRP A 3 0.38 -3.41 12.69
N LEU A 4 0.71 -2.23 12.29
CA LEU A 4 -0.01 -1.60 11.15
C LEU A 4 0.17 -2.47 9.90
N LYS A 5 1.33 -3.04 9.73
CA LYS A 5 1.55 -3.91 8.54
C LYS A 5 0.35 -4.84 8.41
N ALA A 6 -0.21 -5.23 9.52
CA ALA A 6 -1.39 -6.14 9.49
C ALA A 6 -2.60 -5.38 8.92
N ARG A 7 -2.82 -4.18 9.37
CA ARG A 7 -3.98 -3.40 8.86
C ARG A 7 -3.57 -2.57 7.63
N VAL A 8 -2.39 -2.80 7.13
CA VAL A 8 -1.94 -2.02 5.94
C VAL A 8 -2.41 -2.71 4.67
N GLU A 9 -2.48 -4.02 4.68
CA GLU A 9 -2.94 -4.74 3.46
C GLU A 9 -4.41 -4.42 3.20
N GLN A 10 -5.27 -4.72 4.13
CA GLN A 10 -6.72 -4.42 3.93
C GLN A 10 -6.87 -2.96 3.48
N GLU A 11 -5.95 -2.12 3.86
CA GLU A 11 -6.03 -0.68 3.47
C GLU A 11 -5.94 -0.56 1.95
N LEU A 12 -4.81 -0.90 1.38
CA LEU A 12 -4.65 -0.79 -0.09
C LEU A 12 -5.31 -1.98 -0.77
N GLN A 13 -5.99 -2.81 -0.03
CA GLN A 13 -6.66 -3.99 -0.65
C GLN A 13 -7.79 -3.52 -1.58
N ALA A 14 -8.59 -2.60 -1.11
CA ALA A 14 -9.71 -2.10 -1.96
C ALA A 14 -9.15 -1.38 -3.18
N LEU A 15 -7.90 -1.02 -3.15
CA LEU A 15 -7.29 -0.31 -4.31
C LEU A 15 -6.92 -1.32 -5.40
N GLU A 16 -6.06 -2.26 -5.08
CA GLU A 16 -5.65 -3.26 -6.09
C GLU A 16 -6.77 -4.29 -6.28
N ALA A 17 -7.82 -4.21 -5.50
CA ALA A 17 -8.92 -5.18 -5.64
C ALA A 17 -9.92 -4.68 -6.69
N ARG A 18 -9.79 -3.46 -7.12
CA ARG A 18 -10.72 -2.92 -8.15
C ARG A 18 -10.14 -3.14 -9.55
N GLY A 19 -9.29 -4.12 -9.69
CA GLY A 19 -8.68 -4.40 -11.02
C GLY A 19 -8.28 -3.08 -11.70
N THR A 20 -7.04 -2.68 -11.55
CA THR A 20 -6.58 -1.42 -12.20
C THR A 20 -5.11 -1.55 -12.57
N ASP A 21 -4.80 -2.44 -13.48
CA ASP A 21 -3.38 -2.63 -13.89
C ASP A 21 -2.48 -2.61 -12.66
N SER A 22 -2.87 -3.32 -11.63
CA SER A 22 -2.05 -3.35 -10.40
C SER A 22 -0.98 -4.45 -10.52
N ASN A 23 -0.89 -5.08 -11.65
CA ASN A 23 0.13 -6.15 -11.82
C ASN A 23 1.41 -5.53 -12.38
N ALA A 24 1.58 -4.25 -12.22
CA ALA A 24 2.80 -3.58 -12.74
C ALA A 24 3.42 -2.72 -11.64
N GLU A 25 2.61 -1.98 -10.92
CA GLU A 25 3.16 -1.11 -9.85
C GLU A 25 3.32 -1.92 -8.55
N LEU A 26 3.35 -3.22 -8.64
CA LEU A 26 3.50 -4.05 -7.41
C LEU A 26 4.88 -3.81 -6.81
N ARG A 27 5.86 -3.54 -7.63
CA ARG A 27 7.24 -3.30 -7.10
C ARG A 27 7.33 -1.88 -6.54
N ALA A 28 6.64 -0.94 -7.14
CA ALA A 28 6.70 0.46 -6.65
C ALA A 28 5.88 0.60 -5.38
N MET A 29 4.89 -0.24 -5.20
CA MET A 29 4.04 -0.14 -3.98
C MET A 29 4.87 -0.47 -2.74
N GLU A 30 5.87 -1.29 -2.89
CA GLU A 30 6.72 -1.64 -1.70
C GLU A 30 7.41 -0.39 -1.17
N ALA A 31 7.98 0.40 -2.04
CA ALA A 31 8.69 1.63 -1.58
C ALA A 31 7.68 2.61 -0.98
N LYS A 32 6.62 2.89 -1.67
CA LYS A 32 5.61 3.84 -1.13
C LYS A 32 4.97 3.26 0.14
N LEU A 33 5.17 2.00 0.40
CA LEU A 33 4.57 1.38 1.61
C LEU A 33 5.13 2.06 2.87
N LYS A 34 6.42 2.26 2.92
CA LYS A 34 7.03 2.92 4.11
C LYS A 34 6.76 4.43 4.08
N ALA A 35 6.03 4.89 3.10
CA ALA A 35 5.75 6.35 3.02
C ALA A 35 4.49 6.69 3.82
N GLU A 36 3.43 5.94 3.63
CA GLU A 36 2.19 6.24 4.39
C GLU A 36 2.33 5.78 5.84
N ILE A 37 3.22 4.86 6.10
CA ILE A 37 3.41 4.38 7.50
C ILE A 37 3.98 5.50 8.37
N GLN A 38 4.92 6.23 7.85
CA GLN A 38 5.53 7.35 8.64
C GLN A 38 4.41 8.20 9.25
N LYS A 39 3.47 8.63 8.44
CA LYS A 39 2.37 9.48 8.97
C LYS A 39 1.51 8.65 9.94
N ASP A 2 -0.49 13.52 -7.33
CA ASP A 2 0.24 12.54 -6.50
C ASP A 2 -0.50 12.33 -5.18
N TRP A 3 -1.59 13.01 -4.97
CA TRP A 3 -2.34 12.86 -3.69
C TRP A 3 -2.67 11.39 -3.45
N LEU A 4 -2.91 10.65 -4.51
CA LEU A 4 -3.27 9.22 -4.33
C LEU A 4 -2.14 8.50 -3.57
N LYS A 5 -0.91 8.87 -3.81
CA LYS A 5 0.20 8.21 -3.07
C LYS A 5 -0.16 8.19 -1.59
N ALA A 6 -0.76 9.25 -1.13
CA ALA A 6 -1.18 9.30 0.30
C ALA A 6 -2.38 8.36 0.48
N ARG A 7 -3.26 8.34 -0.49
CA ARG A 7 -4.44 7.43 -0.40
C ARG A 7 -3.97 6.02 -0.09
N VAL A 8 -2.85 5.63 -0.63
CA VAL A 8 -2.33 4.26 -0.39
C VAL A 8 -1.63 4.19 0.97
N GLU A 9 -1.03 5.27 1.39
CA GLU A 9 -0.33 5.26 2.71
C GLU A 9 -1.33 5.03 3.83
N GLN A 10 -2.29 5.90 3.98
CA GLN A 10 -3.30 5.74 5.07
C GLN A 10 -3.88 4.33 5.01
N GLU A 11 -4.01 3.76 3.85
CA GLU A 11 -4.58 2.39 3.74
C GLU A 11 -3.65 1.38 4.41
N LEU A 12 -2.42 1.32 3.99
CA LEU A 12 -1.47 0.35 4.60
C LEU A 12 -1.37 0.59 6.11
N GLN A 13 -1.72 1.76 6.56
CA GLN A 13 -1.64 2.05 8.02
C GLN A 13 -2.57 1.11 8.79
N ALA A 14 -3.82 1.04 8.39
CA ALA A 14 -4.77 0.15 9.11
C ALA A 14 -4.53 -1.30 8.70
N LEU A 15 -4.03 -1.53 7.52
CA LEU A 15 -3.78 -2.93 7.08
C LEU A 15 -2.73 -3.58 7.98
N GLU A 16 -1.70 -2.87 8.33
CA GLU A 16 -0.65 -3.45 9.21
C GLU A 16 -1.13 -3.43 10.66
N ALA A 17 -2.09 -2.61 10.96
CA ALA A 17 -2.61 -2.54 12.36
C ALA A 17 -2.87 -3.95 12.88
N ARG A 18 -3.70 -4.69 12.22
CA ARG A 18 -4.00 -6.08 12.67
C ARG A 18 -4.08 -7.01 11.47
N GLY A 19 -2.98 -7.21 10.77
CA GLY A 19 -2.99 -8.10 9.58
C GLY A 19 -2.84 -9.55 10.04
N THR A 20 -1.77 -10.19 9.64
CA THR A 20 -1.56 -11.61 10.04
C THR A 20 -0.39 -12.19 9.26
N ASP A 21 0.81 -12.08 9.78
CA ASP A 21 1.98 -12.62 9.05
C ASP A 21 2.14 -11.90 7.72
N SER A 22 2.40 -10.62 7.76
CA SER A 22 2.57 -9.85 6.48
C SER A 22 2.92 -8.40 6.81
N ASN A 23 3.78 -8.18 7.77
CA ASN A 23 4.16 -6.79 8.13
C ASN A 23 5.51 -6.46 7.50
N ALA A 24 5.94 -7.25 6.58
CA ALA A 24 7.25 -7.01 5.92
C ALA A 24 7.03 -6.83 4.41
N GLU A 25 6.16 -7.61 3.84
CA GLU A 25 5.91 -7.48 2.37
C GLU A 25 5.40 -6.07 2.06
N LEU A 26 4.94 -5.36 3.05
CA LEU A 26 4.43 -3.98 2.81
C LEU A 26 5.49 -3.15 2.08
N ARG A 27 6.74 -3.48 2.27
CA ARG A 27 7.82 -2.71 1.59
C ARG A 27 7.88 -3.10 0.12
N ALA A 28 7.74 -4.36 -0.17
CA ALA A 28 7.79 -4.81 -1.60
C ALA A 28 6.54 -4.29 -2.34
N MET A 29 5.49 -3.98 -1.63
CA MET A 29 4.27 -3.48 -2.31
C MET A 29 4.57 -2.17 -3.02
N GLU A 30 5.52 -1.43 -2.55
CA GLU A 30 5.87 -0.13 -3.20
C GLU A 30 6.13 -0.36 -4.69
N ALA A 31 6.87 -1.39 -5.02
CA ALA A 31 7.18 -1.67 -6.45
C ALA A 31 5.87 -1.76 -7.25
N LYS A 32 4.89 -2.46 -6.75
CA LYS A 32 3.61 -2.61 -7.49
C LYS A 32 2.76 -1.34 -7.31
N LEU A 33 3.09 -0.52 -6.36
CA LEU A 33 2.28 0.73 -6.15
C LEU A 33 2.15 1.48 -7.46
N LYS A 34 3.20 1.51 -8.25
CA LYS A 34 3.13 2.24 -9.55
C LYS A 34 2.12 1.55 -10.47
N ALA A 35 2.21 0.27 -10.62
CA ALA A 35 1.24 -0.45 -11.51
C ALA A 35 -0.18 -0.26 -10.99
N GLU A 36 -0.33 0.20 -9.78
CA GLU A 36 -1.70 0.40 -9.22
C GLU A 36 -2.24 1.74 -9.70
N ILE A 37 -1.39 2.73 -9.85
CA ILE A 37 -1.86 4.06 -10.31
C ILE A 37 -2.66 3.91 -11.62
N GLN A 38 -2.34 2.91 -12.40
CA GLN A 38 -3.08 2.70 -13.68
C GLN A 38 -4.59 2.68 -13.40
N LYS A 39 -5.02 1.84 -12.49
CA LYS A 39 -6.47 1.78 -12.18
C LYS A 39 -7.00 3.17 -11.88
N ASP A 2 -1.79 1.34 14.49
CA ASP A 2 -2.78 1.71 13.45
C ASP A 2 -2.24 2.89 12.63
N TRP A 3 -1.64 3.85 13.27
CA TRP A 3 -1.10 5.03 12.53
C TRP A 3 -0.32 4.54 11.30
N LEU A 4 0.36 3.43 11.43
CA LEU A 4 1.16 2.91 10.29
C LEU A 4 0.27 2.75 9.07
N LYS A 5 -0.89 2.17 9.23
CA LYS A 5 -1.80 1.99 8.06
C LYS A 5 -1.89 3.32 7.29
N ALA A 6 -1.83 4.41 8.00
CA ALA A 6 -1.92 5.73 7.32
C ALA A 6 -0.56 6.08 6.71
N ARG A 7 0.51 5.76 7.38
CA ARG A 7 1.86 6.08 6.85
C ARG A 7 2.37 4.91 6.00
N VAL A 8 1.54 3.94 5.75
CA VAL A 8 1.98 2.79 4.93
C VAL A 8 1.69 3.07 3.45
N GLU A 9 0.44 3.03 3.07
CA GLU A 9 0.10 3.31 1.64
C GLU A 9 0.81 4.58 1.19
N GLN A 10 1.16 5.44 2.11
CA GLN A 10 1.85 6.70 1.74
C GLN A 10 3.25 6.38 1.20
N GLU A 11 4.04 5.66 1.96
CA GLU A 11 5.41 5.33 1.49
C GLU A 11 5.33 4.49 0.22
N LEU A 12 4.41 3.57 0.16
CA LEU A 12 4.29 2.71 -1.05
C LEU A 12 3.75 3.54 -2.22
N GLN A 13 3.15 4.66 -1.93
CA GLN A 13 2.60 5.50 -3.04
C GLN A 13 3.73 5.90 -4.00
N ALA A 14 4.95 5.88 -3.54
CA ALA A 14 6.08 6.26 -4.42
C ALA A 14 6.22 5.22 -5.55
N LEU A 15 6.48 3.99 -5.20
CA LEU A 15 6.63 2.94 -6.25
C LEU A 15 5.27 2.70 -6.92
N GLU A 16 4.22 3.17 -6.29
CA GLU A 16 2.86 2.97 -6.90
C GLU A 16 2.70 3.92 -8.09
N ALA A 17 3.48 4.96 -8.14
CA ALA A 17 3.38 5.92 -9.27
C ALA A 17 3.49 5.16 -10.59
N ARG A 18 4.69 4.84 -11.01
CA ARG A 18 4.85 4.09 -12.29
C ARG A 18 4.04 4.77 -13.39
N GLY A 19 3.82 6.04 -13.29
CA GLY A 19 3.02 6.76 -14.34
C GLY A 19 1.55 6.35 -14.24
N THR A 20 0.93 6.09 -15.36
CA THR A 20 -0.51 5.70 -15.34
C THR A 20 -0.63 4.21 -15.69
N ASP A 21 -0.06 3.35 -14.89
CA ASP A 21 -0.15 1.90 -15.18
C ASP A 21 -0.12 1.11 -13.87
N SER A 22 -1.16 1.23 -13.08
CA SER A 22 -1.19 0.49 -11.78
C SER A 22 -2.34 1.03 -10.91
N ASN A 23 -3.45 1.34 -11.51
CA ASN A 23 -4.59 1.87 -10.72
C ASN A 23 -5.51 0.71 -10.32
N ALA A 24 -5.00 -0.48 -10.34
CA ALA A 24 -5.83 -1.66 -9.98
C ALA A 24 -5.13 -2.45 -8.86
N GLU A 25 -3.85 -2.63 -8.97
CA GLU A 25 -3.10 -3.38 -7.91
C GLU A 25 -3.31 -2.71 -6.56
N LEU A 26 -3.65 -1.44 -6.57
CA LEU A 26 -3.86 -0.72 -5.28
C LEU A 26 -4.82 -1.52 -4.40
N ARG A 27 -5.78 -2.17 -4.99
CA ARG A 27 -6.76 -2.96 -4.18
C ARG A 27 -6.10 -4.25 -3.69
N ALA A 28 -5.36 -4.92 -4.55
CA ALA A 28 -4.70 -6.18 -4.14
C ALA A 28 -3.58 -5.88 -3.12
N MET A 29 -3.30 -4.62 -2.89
CA MET A 29 -2.23 -4.28 -1.92
C MET A 29 -2.75 -4.50 -0.50
N GLU A 30 -3.93 -4.02 -0.20
CA GLU A 30 -4.49 -4.20 1.17
C GLU A 30 -4.32 -5.66 1.60
N ALA A 31 -4.22 -6.56 0.66
CA ALA A 31 -4.07 -7.99 1.01
C ALA A 31 -2.75 -8.20 1.76
N LYS A 32 -1.64 -8.05 1.09
CA LYS A 32 -0.32 -8.24 1.75
C LYS A 32 -0.13 -7.17 2.83
N LEU A 33 -0.94 -6.15 2.82
CA LEU A 33 -0.78 -5.07 3.84
C LEU A 33 -0.87 -5.68 5.24
N LYS A 34 -1.90 -6.45 5.50
CA LYS A 34 -2.05 -7.06 6.84
C LYS A 34 -0.89 -8.02 7.13
N ALA A 35 -0.15 -8.40 6.12
CA ALA A 35 0.98 -9.34 6.33
C ALA A 35 2.13 -8.62 7.06
N GLU A 36 2.51 -7.47 6.58
CA GLU A 36 3.63 -6.73 7.24
C GLU A 36 3.10 -5.99 8.46
N ILE A 37 1.90 -5.50 8.40
CA ILE A 37 1.31 -4.76 9.57
C ILE A 37 1.38 -5.64 10.82
N GLN A 38 1.49 -6.92 10.65
CA GLN A 38 1.54 -7.83 11.83
C GLN A 38 2.53 -7.26 12.86
N LYS A 39 3.57 -6.63 12.40
CA LYS A 39 4.57 -6.06 13.36
C LYS A 39 5.53 -5.15 12.60
N ASP A 2 -1.16 -7.72 13.24
CA ASP A 2 -2.36 -7.62 12.37
C ASP A 2 -2.81 -6.15 12.29
N TRP A 3 -2.66 -5.41 13.35
CA TRP A 3 -3.08 -3.99 13.34
C TRP A 3 -2.55 -3.30 12.07
N LEU A 4 -1.38 -3.67 11.64
CA LEU A 4 -0.78 -3.04 10.44
C LEU A 4 -1.72 -3.20 9.25
N LYS A 5 -2.24 -4.38 9.04
CA LYS A 5 -3.16 -4.58 7.90
C LYS A 5 -4.23 -3.49 7.92
N ALA A 6 -4.57 -3.00 9.08
CA ALA A 6 -5.61 -1.94 9.16
C ALA A 6 -4.98 -0.58 8.87
N ARG A 7 -3.78 -0.35 9.35
CA ARG A 7 -3.12 0.95 9.09
C ARG A 7 -2.34 0.90 7.77
N VAL A 8 -2.44 -0.18 7.06
CA VAL A 8 -1.69 -0.28 5.77
C VAL A 8 -2.58 0.24 4.63
N GLU A 9 -3.84 -0.11 4.64
CA GLU A 9 -4.75 0.37 3.56
C GLU A 9 -4.78 1.89 3.58
N GLN A 10 -5.12 2.47 4.70
CA GLN A 10 -5.17 3.96 4.78
C GLN A 10 -3.80 4.53 4.40
N GLU A 11 -2.74 3.85 4.74
CA GLU A 11 -1.39 4.36 4.39
C GLU A 11 -1.29 4.54 2.87
N LEU A 12 -1.52 3.50 2.12
CA LEU A 12 -1.44 3.63 0.64
C LEU A 12 -2.56 4.55 0.15
N GLN A 13 -3.48 4.90 1.00
CA GLN A 13 -4.60 5.80 0.58
C GLN A 13 -4.03 7.17 0.21
N ALA A 14 -2.99 7.58 0.86
CA ALA A 14 -2.39 8.91 0.55
C ALA A 14 -1.87 8.92 -0.89
N LEU A 15 -1.19 7.88 -1.29
CA LEU A 15 -0.64 7.82 -2.67
C LEU A 15 -1.80 7.74 -3.69
N GLU A 16 -2.93 7.25 -3.27
CA GLU A 16 -4.09 7.14 -4.20
C GLU A 16 -5.10 8.24 -3.89
N ALA A 17 -4.79 9.11 -2.96
CA ALA A 17 -5.75 10.20 -2.62
C ALA A 17 -5.56 11.37 -3.59
N ARG A 18 -4.43 11.47 -4.22
CA ARG A 18 -4.19 12.58 -5.19
C ARG A 18 -3.54 12.04 -6.44
N GLY A 19 -3.76 10.79 -6.76
CA GLY A 19 -3.14 10.21 -7.98
C GLY A 19 -1.63 10.36 -7.92
N THR A 20 -1.06 11.13 -8.81
CA THR A 20 0.41 11.33 -8.80
C THR A 20 1.09 10.09 -9.40
N ASP A 21 0.66 9.65 -10.55
CA ASP A 21 1.28 8.45 -11.18
C ASP A 21 1.35 7.33 -10.14
N SER A 22 0.27 7.05 -9.48
CA SER A 22 0.27 5.97 -8.46
C SER A 22 -0.64 4.83 -8.90
N ASN A 23 -1.29 4.99 -10.04
CA ASN A 23 -2.21 3.92 -10.51
C ASN A 23 -1.43 2.93 -11.38
N ALA A 24 -0.14 2.98 -11.31
CA ALA A 24 0.69 2.06 -12.12
C ALA A 24 1.47 1.12 -11.19
N GLU A 25 2.05 1.65 -10.15
CA GLU A 25 2.82 0.81 -9.21
C GLU A 25 1.86 0.07 -8.27
N LEU A 26 0.59 0.39 -8.34
CA LEU A 26 -0.39 -0.29 -7.45
C LEU A 26 -0.25 -1.81 -7.59
N ARG A 27 0.12 -2.27 -8.76
CA ARG A 27 0.28 -3.75 -8.95
C ARG A 27 1.53 -4.23 -8.22
N ALA A 28 2.61 -3.54 -8.38
CA ALA A 28 3.87 -3.95 -7.70
C ALA A 28 3.74 -3.73 -6.19
N MET A 29 2.76 -2.98 -5.77
CA MET A 29 2.58 -2.73 -4.31
C MET A 29 2.12 -4.03 -3.63
N GLU A 30 1.31 -4.81 -4.29
CA GLU A 30 0.84 -6.08 -3.67
C GLU A 30 2.05 -6.84 -3.12
N ALA A 31 3.12 -6.90 -3.87
CA ALA A 31 4.32 -7.63 -3.40
C ALA A 31 4.88 -6.93 -2.16
N LYS A 32 5.04 -5.63 -2.22
CA LYS A 32 5.59 -4.89 -1.05
C LYS A 32 4.71 -5.16 0.18
N LEU A 33 3.47 -5.49 -0.02
CA LEU A 33 2.57 -5.76 1.15
C LEU A 33 3.17 -6.90 1.99
N LYS A 34 3.27 -8.08 1.42
CA LYS A 34 3.83 -9.22 2.18
C LYS A 34 5.27 -8.90 2.60
N ALA A 35 6.03 -8.33 1.70
CA ALA A 35 7.44 -8.00 2.04
C ALA A 35 7.48 -7.15 3.32
N GLU A 36 6.41 -6.46 3.60
CA GLU A 36 6.38 -5.62 4.83
C GLU A 36 6.15 -6.50 6.06
N ILE A 37 5.04 -7.20 6.10
CA ILE A 37 4.77 -8.08 7.27
C ILE A 37 6.03 -8.88 7.62
N GLN A 38 6.82 -9.20 6.63
CA GLN A 38 8.07 -9.97 6.90
C GLN A 38 8.90 -9.23 7.95
N LYS A 39 9.50 -8.13 7.59
CA LYS A 39 10.32 -7.37 8.56
C LYS A 39 9.41 -6.70 9.59
N ASP A 2 -3.29 11.74 -8.16
CA ASP A 2 -2.60 12.14 -6.90
C ASP A 2 -3.50 11.82 -5.71
N TRP A 3 -4.78 12.00 -5.84
CA TRP A 3 -5.70 11.70 -4.72
C TRP A 3 -5.55 10.22 -4.33
N LEU A 4 -5.36 9.38 -5.29
CA LEU A 4 -5.23 7.91 -5.01
C LEU A 4 -4.10 7.67 -4.00
N LYS A 5 -3.12 8.53 -3.96
CA LYS A 5 -2.01 8.33 -3.00
C LYS A 5 -2.56 8.41 -1.58
N ALA A 6 -3.52 9.27 -1.37
CA ALA A 6 -4.12 9.40 -0.01
C ALA A 6 -5.09 8.25 0.22
N ARG A 7 -5.97 8.00 -0.70
CA ARG A 7 -6.96 6.90 -0.54
C ARG A 7 -6.25 5.54 -0.67
N VAL A 8 -5.00 5.54 -1.08
CA VAL A 8 -4.28 4.25 -1.20
C VAL A 8 -3.55 3.94 0.11
N GLU A 9 -2.71 4.82 0.56
CA GLU A 9 -1.98 4.58 1.83
C GLU A 9 -2.95 4.10 2.91
N GLN A 10 -4.10 4.70 2.98
CA GLN A 10 -5.10 4.28 4.00
C GLN A 10 -5.53 2.83 3.75
N GLU A 11 -5.88 2.52 2.53
CA GLU A 11 -6.31 1.11 2.22
C GLU A 11 -5.23 0.13 2.66
N LEU A 12 -3.99 0.49 2.52
CA LEU A 12 -2.89 -0.43 2.92
C LEU A 12 -2.79 -0.50 4.45
N GLN A 13 -3.07 0.58 5.12
CA GLN A 13 -2.99 0.58 6.61
C GLN A 13 -4.03 -0.39 7.19
N ALA A 14 -5.13 -0.56 6.52
CA ALA A 14 -6.18 -1.48 7.04
C ALA A 14 -5.63 -2.91 7.14
N LEU A 15 -5.14 -3.44 6.04
CA LEU A 15 -4.59 -4.82 6.08
C LEU A 15 -3.25 -4.82 6.80
N GLU A 16 -2.69 -3.67 7.04
CA GLU A 16 -1.38 -3.61 7.74
C GLU A 16 -1.60 -3.40 9.24
N ALA A 17 -2.80 -3.08 9.63
CA ALA A 17 -3.08 -2.88 11.07
C ALA A 17 -2.65 -4.12 11.86
N ARG A 18 -3.01 -5.27 11.39
CA ARG A 18 -2.62 -6.53 12.11
C ARG A 18 -2.64 -7.69 11.14
N GLY A 19 -1.75 -7.69 10.17
CA GLY A 19 -1.72 -8.80 9.18
C GLY A 19 -0.76 -9.90 9.67
N THR A 20 -0.79 -10.19 10.95
CA THR A 20 0.12 -11.24 11.48
C THR A 20 1.54 -11.02 10.95
N ASP A 21 2.23 -10.05 11.50
CA ASP A 21 3.61 -9.77 11.05
C ASP A 21 3.59 -9.05 9.71
N SER A 22 2.86 -7.98 9.62
CA SER A 22 2.79 -7.23 8.33
C SER A 22 3.82 -6.10 8.33
N ASN A 23 4.83 -6.20 9.16
CA ASN A 23 5.86 -5.14 9.21
C ASN A 23 7.01 -5.49 8.25
N ALA A 24 6.73 -6.29 7.26
CA ALA A 24 7.79 -6.68 6.30
C ALA A 24 7.33 -6.35 4.87
N GLU A 25 6.11 -6.68 4.55
CA GLU A 25 5.61 -6.38 3.18
C GLU A 25 5.67 -4.87 2.92
N LEU A 26 5.83 -4.09 3.97
CA LEU A 26 5.88 -2.62 3.80
C LEU A 26 6.81 -2.28 2.62
N ARG A 27 7.78 -3.10 2.37
CA ARG A 27 8.71 -2.81 1.23
C ARG A 27 7.98 -3.03 -0.10
N ALA A 28 7.30 -4.14 -0.23
CA ALA A 28 6.56 -4.41 -1.49
C ALA A 28 5.51 -3.32 -1.73
N MET A 29 5.23 -2.53 -0.72
CA MET A 29 4.21 -1.45 -0.88
C MET A 29 4.69 -0.45 -1.94
N GLU A 30 5.94 -0.12 -1.94
CA GLU A 30 6.46 0.86 -2.94
C GLU A 30 6.16 0.37 -4.36
N ALA A 31 6.45 -0.87 -4.63
CA ALA A 31 6.19 -1.42 -5.99
C ALA A 31 4.68 -1.47 -6.25
N LYS A 32 3.90 -1.80 -5.26
CA LYS A 32 2.43 -1.88 -5.46
C LYS A 32 1.87 -0.49 -5.83
N LEU A 33 2.45 0.55 -5.30
CA LEU A 33 1.95 1.92 -5.62
C LEU A 33 1.90 2.11 -7.13
N LYS A 34 3.03 1.99 -7.79
CA LYS A 34 3.04 2.17 -9.27
C LYS A 34 2.12 1.14 -9.93
N ALA A 35 1.80 0.09 -9.24
CA ALA A 35 0.91 -0.94 -9.83
C ALA A 35 -0.50 -0.37 -10.00
N GLU A 36 -0.91 0.51 -9.13
CA GLU A 36 -2.27 1.09 -9.24
C GLU A 36 -2.21 2.35 -10.14
N ILE A 37 -1.50 3.35 -9.71
CA ILE A 37 -1.41 4.60 -10.53
C ILE A 37 -1.08 4.24 -11.98
N GLN A 38 -0.29 3.22 -12.18
CA GLN A 38 0.06 2.82 -13.58
C GLN A 38 -1.20 2.82 -14.44
N LYS A 39 -2.14 1.96 -14.14
CA LYS A 39 -3.38 1.91 -14.94
C LYS A 39 -4.25 3.14 -14.63
N ASP A 2 -1.20 13.35 -7.42
CA ASP A 2 -0.12 12.85 -6.53
C ASP A 2 -0.70 12.56 -5.14
N TRP A 3 -1.57 13.40 -4.67
CA TRP A 3 -2.16 13.19 -3.32
C TRP A 3 -2.75 11.79 -3.22
N LEU A 4 -3.29 11.27 -4.29
CA LEU A 4 -3.89 9.92 -4.24
C LEU A 4 -2.87 8.91 -3.74
N LYS A 5 -1.63 9.06 -4.11
CA LYS A 5 -0.60 8.10 -3.62
C LYS A 5 -0.80 7.92 -2.12
N ALA A 6 -1.09 9.00 -1.43
CA ALA A 6 -1.34 8.91 0.03
C ALA A 6 -2.67 8.19 0.25
N ARG A 7 -3.65 8.48 -0.57
CA ARG A 7 -4.97 7.81 -0.42
C ARG A 7 -4.76 6.29 -0.40
N VAL A 8 -3.80 5.81 -1.14
CA VAL A 8 -3.53 4.35 -1.19
C VAL A 8 -2.69 3.93 0.01
N GLU A 9 -1.83 4.79 0.48
CA GLU A 9 -0.97 4.44 1.63
C GLU A 9 -1.83 4.18 2.87
N GLN A 10 -2.57 5.16 3.30
CA GLN A 10 -3.43 4.97 4.50
C GLN A 10 -4.26 3.69 4.35
N GLU A 11 -4.69 3.39 3.15
CA GLU A 11 -5.50 2.16 2.93
C GLU A 11 -4.69 0.93 3.37
N LEU A 12 -3.55 0.72 2.78
CA LEU A 12 -2.73 -0.46 3.16
C LEU A 12 -2.25 -0.33 4.61
N GLN A 13 -2.35 0.84 5.18
CA GLN A 13 -1.90 1.02 6.58
C GLN A 13 -2.70 0.07 7.49
N ALA A 14 -3.99 0.02 7.33
CA ALA A 14 -4.81 -0.88 8.17
C ALA A 14 -4.56 -2.34 7.76
N LEU A 15 -4.25 -2.56 6.51
CA LEU A 15 -3.98 -3.95 6.04
C LEU A 15 -2.77 -4.52 6.80
N GLU A 16 -1.79 -3.70 7.06
CA GLU A 16 -0.59 -4.19 7.79
C GLU A 16 -0.78 -3.97 9.30
N ALA A 17 -1.91 -3.43 9.69
CA ALA A 17 -2.15 -3.19 11.14
C ALA A 17 -2.45 -4.53 11.83
N ARG A 18 -2.83 -5.52 11.07
CA ARG A 18 -3.13 -6.84 11.68
C ARG A 18 -3.65 -7.80 10.61
N GLY A 19 -2.78 -8.34 9.79
CA GLY A 19 -3.23 -9.27 8.72
C GLY A 19 -2.54 -10.62 8.90
N THR A 20 -1.34 -10.75 8.39
CA THR A 20 -0.62 -12.04 8.53
C THR A 20 0.75 -11.95 7.84
N ASP A 21 1.77 -11.60 8.58
CA ASP A 21 3.12 -11.51 7.97
C ASP A 21 3.10 -10.52 6.80
N SER A 22 2.66 -9.31 7.03
CA SER A 22 2.61 -8.31 5.94
C SER A 22 3.87 -7.44 5.98
N ASN A 23 4.74 -7.69 6.91
CA ASN A 23 5.99 -6.87 6.99
C ASN A 23 7.11 -7.56 6.22
N ALA A 24 6.76 -8.42 5.31
CA ALA A 24 7.79 -9.13 4.51
C ALA A 24 7.58 -8.83 3.03
N GLU A 25 6.35 -8.83 2.59
CA GLU A 25 6.06 -8.54 1.16
C GLU A 25 6.20 -7.04 0.90
N LEU A 26 6.52 -6.28 1.92
CA LEU A 26 6.67 -4.81 1.74
C LEU A 26 7.43 -4.51 0.46
N ARG A 27 8.31 -5.39 0.05
CA ARG A 27 9.08 -5.15 -1.20
C ARG A 27 8.13 -5.23 -2.41
N ALA A 28 7.53 -6.37 -2.61
CA ALA A 28 6.59 -6.52 -3.76
C ALA A 28 5.38 -5.60 -3.57
N MET A 29 5.26 -5.00 -2.41
CA MET A 29 4.10 -4.10 -2.16
C MET A 29 4.30 -2.78 -2.90
N GLU A 30 5.48 -2.22 -2.82
CA GLU A 30 5.74 -0.93 -3.52
C GLU A 30 5.35 -1.08 -4.99
N ALA A 31 5.60 -2.22 -5.57
CA ALA A 31 5.24 -2.43 -6.99
C ALA A 31 3.73 -2.29 -7.16
N LYS A 32 2.96 -3.02 -6.38
CA LYS A 32 1.49 -2.93 -6.49
C LYS A 32 1.03 -1.50 -6.19
N LEU A 33 1.85 -0.74 -5.52
CA LEU A 33 1.47 0.67 -5.20
C LEU A 33 1.30 1.45 -6.50
N LYS A 34 2.32 1.50 -7.32
CA LYS A 34 2.21 2.25 -8.60
C LYS A 34 1.12 1.63 -9.48
N ALA A 35 0.89 0.35 -9.33
CA ALA A 35 -0.15 -0.32 -10.17
C ALA A 35 -1.53 0.27 -9.83
N GLU A 36 -1.83 0.41 -8.57
CA GLU A 36 -3.15 0.99 -8.18
C GLU A 36 -3.24 2.44 -8.67
N ILE A 37 -2.36 3.28 -8.21
CA ILE A 37 -2.39 4.71 -8.63
C ILE A 37 -2.33 4.78 -10.17
N GLN A 38 -1.81 3.77 -10.80
CA GLN A 38 -1.73 3.79 -12.28
C GLN A 38 -3.04 4.30 -12.88
N LYS A 39 -4.15 3.90 -12.31
CA LYS A 39 -5.46 4.37 -12.83
C LYS A 39 -5.40 5.88 -13.10
N ASP A 2 -1.56 12.39 -8.82
CA ASP A 2 -0.43 12.15 -7.89
C ASP A 2 -0.91 12.23 -6.44
N TRP A 3 -2.01 12.91 -6.21
CA TRP A 3 -2.53 13.03 -4.82
C TRP A 3 -2.82 11.64 -4.25
N LEU A 4 -3.34 10.76 -5.06
CA LEU A 4 -3.69 9.40 -4.58
C LEU A 4 -2.44 8.73 -3.99
N LYS A 5 -1.28 9.15 -4.36
CA LYS A 5 -0.04 8.53 -3.80
C LYS A 5 0.06 8.89 -2.33
N ALA A 6 -0.35 10.07 -1.97
CA ALA A 6 -0.28 10.50 -0.55
C ALA A 6 -1.51 10.01 0.21
N ARG A 7 -2.62 9.87 -0.49
CA ARG A 7 -3.86 9.41 0.20
C ARG A 7 -3.96 7.87 0.17
N VAL A 8 -3.11 7.23 -0.59
CA VAL A 8 -3.16 5.74 -0.66
C VAL A 8 -2.24 5.14 0.41
N GLU A 9 -1.15 5.79 0.70
CA GLU A 9 -0.22 5.25 1.73
C GLU A 9 -0.88 5.32 3.11
N GLN A 10 -1.60 6.38 3.39
CA GLN A 10 -2.26 6.50 4.71
C GLN A 10 -3.18 5.31 4.95
N GLU A 11 -3.98 4.95 3.96
CA GLU A 11 -4.90 3.80 4.14
C GLU A 11 -4.08 2.51 4.27
N LEU A 12 -3.10 2.32 3.42
CA LEU A 12 -2.28 1.09 3.50
C LEU A 12 -1.44 1.10 4.78
N GLN A 13 -1.41 2.20 5.48
CA GLN A 13 -0.62 2.27 6.73
C GLN A 13 -1.32 1.48 7.84
N ALA A 14 -2.56 1.79 8.10
CA ALA A 14 -3.30 1.06 9.17
C ALA A 14 -3.38 -0.43 8.83
N LEU A 15 -3.20 -0.77 7.58
CA LEU A 15 -3.27 -2.21 7.18
C LEU A 15 -1.99 -2.93 7.62
N GLU A 16 -0.86 -2.33 7.38
CA GLU A 16 0.43 -2.99 7.78
C GLU A 16 0.67 -2.76 9.27
N ALA A 17 -0.04 -1.83 9.87
CA ALA A 17 0.15 -1.57 11.33
C ALA A 17 -0.53 -2.67 12.14
N ARG A 18 -1.76 -2.99 11.80
CA ARG A 18 -2.48 -4.05 12.55
C ARG A 18 -2.44 -5.36 11.76
N GLY A 19 -1.28 -5.77 11.33
CA GLY A 19 -1.18 -7.03 10.55
C GLY A 19 -0.54 -8.12 11.40
N THR A 20 -0.40 -9.30 10.87
CA THR A 20 0.22 -10.40 11.66
C THR A 20 1.45 -10.93 10.92
N ASP A 21 1.99 -10.15 10.01
CA ASP A 21 3.18 -10.60 9.26
C ASP A 21 3.81 -9.39 8.55
N SER A 22 4.07 -8.34 9.28
CA SER A 22 4.68 -7.14 8.65
C SER A 22 6.13 -7.44 8.23
N ASN A 23 6.87 -6.43 7.85
CA ASN A 23 8.28 -6.66 7.44
C ASN A 23 8.32 -7.71 6.33
N ALA A 24 7.22 -7.93 5.68
CA ALA A 24 7.17 -8.93 4.60
C ALA A 24 6.38 -8.36 3.40
N GLU A 25 5.28 -7.73 3.67
CA GLU A 25 4.46 -7.16 2.56
C GLU A 25 4.96 -5.77 2.20
N LEU A 26 6.20 -5.48 2.48
CA LEU A 26 6.75 -4.14 2.14
C LEU A 26 7.10 -4.09 0.65
N ARG A 27 8.07 -4.85 0.25
CA ARG A 27 8.46 -4.85 -1.19
C ARG A 27 7.26 -5.30 -2.04
N ALA A 28 6.50 -6.24 -1.56
CA ALA A 28 5.33 -6.73 -2.34
C ALA A 28 4.33 -5.58 -2.52
N MET A 29 4.25 -4.69 -1.57
CA MET A 29 3.30 -3.55 -1.69
C MET A 29 3.74 -2.65 -2.85
N GLU A 30 4.98 -2.67 -3.20
CA GLU A 30 5.47 -1.81 -4.31
C GLU A 30 4.80 -2.24 -5.62
N ALA A 31 4.83 -3.50 -5.93
CA ALA A 31 4.20 -3.98 -7.19
C ALA A 31 2.69 -3.75 -7.13
N LYS A 32 2.03 -4.33 -6.16
CA LYS A 32 0.55 -4.17 -6.06
C LYS A 32 0.21 -2.68 -6.00
N LEU A 33 1.15 -1.86 -5.64
CA LEU A 33 0.88 -0.38 -5.55
C LEU A 33 0.57 0.17 -6.95
N LYS A 34 1.39 -0.14 -7.90
CA LYS A 34 1.17 0.37 -9.28
C LYS A 34 0.02 -0.39 -9.95
N ALA A 35 -0.26 -1.58 -9.49
CA ALA A 35 -1.36 -2.38 -10.11
C ALA A 35 -2.72 -1.90 -9.56
N GLU A 36 -2.75 -1.39 -8.36
CA GLU A 36 -4.05 -0.93 -7.79
C GLU A 36 -4.28 0.53 -8.19
N ILE A 37 -3.26 1.35 -8.12
CA ILE A 37 -3.43 2.78 -8.48
C ILE A 37 -3.99 2.89 -9.91
N GLN A 38 -3.65 1.96 -10.76
CA GLN A 38 -4.16 2.00 -12.16
C GLN A 38 -5.65 2.35 -12.14
N LYS A 39 -6.38 1.85 -11.20
CA LYS A 39 -7.84 2.14 -11.15
C LYS A 39 -8.43 1.54 -9.87
N ASP A 2 -3.30 -10.05 10.98
CA ASP A 2 -4.60 -9.63 10.39
C ASP A 2 -4.72 -8.11 10.42
N TRP A 3 -4.60 -7.50 11.57
CA TRP A 3 -4.72 -6.02 11.63
C TRP A 3 -3.72 -5.38 10.67
N LEU A 4 -2.67 -6.08 10.34
CA LEU A 4 -1.66 -5.50 9.41
C LEU A 4 -2.37 -4.95 8.18
N LYS A 5 -3.34 -5.67 7.69
CA LYS A 5 -4.08 -5.21 6.49
C LYS A 5 -4.56 -3.78 6.70
N ALA A 6 -5.08 -3.48 7.86
CA ALA A 6 -5.57 -2.10 8.13
C ALA A 6 -4.37 -1.15 8.25
N ARG A 7 -3.36 -1.53 8.97
CA ARG A 7 -2.18 -0.65 9.13
C ARG A 7 -1.33 -0.66 7.86
N VAL A 8 -1.71 -1.45 6.88
CA VAL A 8 -0.93 -1.51 5.63
C VAL A 8 -1.47 -0.47 4.65
N GLU A 9 -2.74 -0.52 4.37
CA GLU A 9 -3.33 0.48 3.42
C GLU A 9 -3.27 1.87 4.05
N GLN A 10 -3.40 1.94 5.35
CA GLN A 10 -3.36 3.27 6.03
C GLN A 10 -1.95 3.87 5.89
N GLU A 11 -0.95 3.03 5.80
CA GLU A 11 0.44 3.55 5.66
C GLU A 11 0.66 4.04 4.22
N LEU A 12 0.52 3.17 3.26
CA LEU A 12 0.72 3.57 1.84
C LEU A 12 -0.23 4.72 1.49
N GLN A 13 -1.34 4.82 2.16
CA GLN A 13 -2.32 5.90 1.86
C GLN A 13 -1.79 7.23 2.39
N ALA A 14 -1.00 7.20 3.43
CA ALA A 14 -0.47 8.47 4.00
C ALA A 14 0.52 9.09 3.00
N LEU A 15 0.92 8.37 2.01
CA LEU A 15 1.88 8.93 1.01
C LEU A 15 1.10 9.60 -0.13
N GLU A 16 -0.01 9.03 -0.51
CA GLU A 16 -0.81 9.62 -1.61
C GLU A 16 -1.75 10.70 -1.06
N ALA A 17 -1.87 10.79 0.23
CA ALA A 17 -2.76 11.82 0.83
C ALA A 17 -2.14 13.20 0.66
N ARG A 18 -0.95 13.27 0.14
CA ARG A 18 -0.29 14.60 -0.06
C ARG A 18 0.55 14.55 -1.34
N GLY A 19 -0.07 14.35 -2.47
CA GLY A 19 0.69 14.30 -3.75
C GLY A 19 -0.27 14.28 -4.93
N THR A 20 0.10 14.87 -6.03
CA THR A 20 -0.81 14.87 -7.21
C THR A 20 -0.11 14.18 -8.39
N ASP A 21 0.85 13.34 -8.11
CA ASP A 21 1.56 12.63 -9.22
C ASP A 21 1.86 11.19 -8.79
N SER A 22 0.85 10.41 -8.57
CA SER A 22 1.07 8.99 -8.15
C SER A 22 -0.27 8.25 -8.14
N ASN A 23 -1.19 8.66 -8.96
CA ASN A 23 -2.51 7.96 -9.00
C ASN A 23 -2.50 6.95 -10.15
N ALA A 24 -1.35 6.60 -10.62
CA ALA A 24 -1.25 5.62 -11.73
C ALA A 24 -0.46 4.40 -11.27
N GLU A 25 0.50 4.59 -10.41
CA GLU A 25 1.31 3.44 -9.92
C GLU A 25 0.62 2.79 -8.71
N LEU A 26 -0.68 2.93 -8.61
CA LEU A 26 -1.41 2.33 -7.46
C LEU A 26 -1.65 0.84 -7.72
N ARG A 27 -1.57 0.43 -8.96
CA ARG A 27 -1.80 -1.01 -9.28
C ARG A 27 -0.57 -1.82 -8.88
N ALA A 28 0.60 -1.29 -9.08
CA ALA A 28 1.83 -2.04 -8.71
C ALA A 28 1.89 -2.24 -7.19
N MET A 29 1.18 -1.43 -6.45
CA MET A 29 1.19 -1.56 -4.97
C MET A 29 0.36 -2.79 -4.57
N GLU A 30 -0.53 -3.23 -5.42
CA GLU A 30 -1.36 -4.41 -5.09
C GLU A 30 -0.46 -5.62 -4.83
N ALA A 31 0.40 -5.94 -5.76
CA ALA A 31 1.30 -7.11 -5.57
C ALA A 31 2.30 -6.80 -4.44
N LYS A 32 2.91 -5.65 -4.48
CA LYS A 32 3.89 -5.31 -3.41
C LYS A 32 3.21 -5.31 -2.05
N LEU A 33 1.92 -5.30 -2.02
CA LEU A 33 1.20 -5.30 -0.70
C LEU A 33 1.66 -6.50 0.11
N LYS A 34 1.35 -7.69 -0.34
CA LYS A 34 1.77 -8.90 0.41
C LYS A 34 3.29 -9.00 0.45
N ALA A 35 3.96 -8.51 -0.57
CA ALA A 35 5.45 -8.57 -0.58
C ALA A 35 6.01 -7.89 0.67
N GLU A 36 5.34 -6.87 1.14
CA GLU A 36 5.84 -6.16 2.36
C GLU A 36 5.46 -6.96 3.60
N ILE A 37 4.29 -7.53 3.62
CA ILE A 37 3.87 -8.32 4.81
C ILE A 37 5.00 -9.27 5.22
N GLN A 38 5.74 -9.77 4.27
CA GLN A 38 6.84 -10.70 4.59
C GLN A 38 8.00 -9.92 5.21
N LYS A 39 8.67 -9.12 4.43
CA LYS A 39 9.81 -8.32 4.98
C LYS A 39 9.35 -7.57 6.23
N ASP A 2 -1.43 -8.28 11.14
CA ASP A 2 -2.81 -8.08 10.60
C ASP A 2 -3.18 -6.60 10.68
N TRP A 3 -2.81 -5.95 11.75
CA TRP A 3 -3.14 -4.51 11.89
C TRP A 3 -2.62 -3.73 10.68
N LEU A 4 -1.52 -4.15 10.13
CA LEU A 4 -0.93 -3.43 8.96
C LEU A 4 -1.96 -3.31 7.85
N LYS A 5 -2.80 -4.28 7.68
CA LYS A 5 -3.82 -4.20 6.59
C LYS A 5 -4.66 -2.92 6.78
N ALA A 6 -4.93 -2.56 8.00
CA ALA A 6 -5.74 -1.34 8.25
C ALA A 6 -4.87 -0.10 8.10
N ARG A 7 -3.66 -0.15 8.60
CA ARG A 7 -2.76 1.03 8.49
C ARG A 7 -2.11 1.08 7.11
N VAL A 8 -2.38 0.10 6.28
CA VAL A 8 -1.77 0.09 4.92
C VAL A 8 -2.72 0.78 3.94
N GLU A 9 -3.99 0.54 4.05
CA GLU A 9 -4.96 1.18 3.12
C GLU A 9 -4.92 2.69 3.29
N GLN A 10 -5.22 3.19 4.46
CA GLN A 10 -5.19 4.66 4.68
C GLN A 10 -3.88 5.23 4.16
N GLU A 11 -2.85 4.43 4.12
CA GLU A 11 -1.54 4.93 3.62
C GLU A 11 -1.62 5.22 2.12
N LEU A 12 -1.84 4.20 1.33
CA LEU A 12 -1.92 4.40 -0.15
C LEU A 12 -3.13 5.28 -0.49
N GLN A 13 -4.00 5.51 0.45
CA GLN A 13 -5.20 6.36 0.17
C GLN A 13 -4.83 7.84 0.30
N ALA A 14 -4.16 8.19 1.37
CA ALA A 14 -3.77 9.62 1.56
C ALA A 14 -2.89 10.07 0.39
N LEU A 15 -2.17 9.16 -0.21
CA LEU A 15 -1.30 9.55 -1.35
C LEU A 15 -2.16 9.99 -2.54
N GLU A 16 -2.91 9.08 -3.11
CA GLU A 16 -3.77 9.45 -4.26
C GLU A 16 -4.82 10.48 -3.82
N ALA A 17 -4.96 10.68 -2.54
CA ALA A 17 -5.96 11.67 -2.06
C ALA A 17 -5.70 13.03 -2.72
N ARG A 18 -4.50 13.28 -3.14
CA ARG A 18 -4.19 14.58 -3.80
C ARG A 18 -2.78 14.54 -4.41
N GLY A 19 -2.50 13.55 -5.21
CA GLY A 19 -1.15 13.46 -5.83
C GLY A 19 -1.28 13.33 -7.35
N THR A 20 -2.27 12.62 -7.81
CA THR A 20 -2.45 12.46 -9.28
C THR A 20 -1.12 12.07 -9.91
N ASP A 21 -0.23 11.49 -9.16
CA ASP A 21 1.10 11.09 -9.73
C ASP A 21 1.53 9.77 -9.09
N SER A 22 0.66 8.81 -9.03
CA SER A 22 1.02 7.50 -8.43
C SER A 22 -0.23 6.62 -8.37
N ASN A 23 -1.09 6.72 -9.35
CA ASN A 23 -2.32 5.88 -9.35
C ASN A 23 -2.03 4.58 -10.09
N ALA A 24 -0.78 4.25 -10.26
CA ALA A 24 -0.42 3.01 -10.98
C ALA A 24 0.46 2.13 -10.07
N GLU A 25 1.34 2.74 -9.32
CA GLU A 25 2.23 1.96 -8.42
C GLU A 25 1.41 1.33 -7.29
N LEU A 26 0.13 1.66 -7.20
CA LEU A 26 -0.70 1.08 -6.12
C LEU A 26 -0.74 -0.45 -6.25
N ARG A 27 -0.98 -0.95 -7.44
CA ARG A 27 -1.02 -2.42 -7.63
C ARG A 27 0.35 -3.03 -7.35
N ALA A 28 1.39 -2.36 -7.74
CA ALA A 28 2.77 -2.89 -7.49
C ALA A 28 3.08 -2.81 -6.00
N MET A 29 2.25 -2.16 -5.24
CA MET A 29 2.51 -2.03 -3.78
C MET A 29 2.28 -3.39 -3.11
N GLU A 30 1.35 -4.16 -3.59
CA GLU A 30 1.08 -5.48 -2.98
C GLU A 30 2.37 -6.29 -2.89
N ALA A 31 3.24 -6.14 -3.86
CA ALA A 31 4.51 -6.90 -3.83
C ALA A 31 5.28 -6.59 -2.54
N LYS A 32 5.58 -5.35 -2.30
CA LYS A 32 6.33 -4.98 -1.07
C LYS A 32 5.53 -5.41 0.16
N LEU A 33 4.25 -5.57 0.01
CA LEU A 33 3.40 -5.99 1.17
C LEU A 33 3.90 -7.32 1.72
N LYS A 34 3.70 -8.38 0.99
CA LYS A 34 4.15 -9.72 1.47
C LYS A 34 5.66 -9.71 1.68
N ALA A 35 6.34 -8.72 1.17
CA ALA A 35 7.82 -8.67 1.35
C ALA A 35 8.16 -8.33 2.80
N GLU A 36 7.37 -7.50 3.43
CA GLU A 36 7.65 -7.13 4.85
C GLU A 36 7.02 -8.16 5.78
N ILE A 37 5.76 -8.43 5.62
CA ILE A 37 5.09 -9.43 6.51
C ILE A 37 5.91 -10.72 6.55
N GLN A 38 6.74 -10.95 5.57
CA GLN A 38 7.55 -12.19 5.55
C GLN A 38 8.36 -12.27 6.86
N LYS A 39 9.41 -11.51 6.96
CA LYS A 39 10.23 -11.54 8.19
C LYS A 39 9.55 -10.73 9.30
N ASP A 2 0.68 -6.48 14.68
CA ASP A 2 -0.63 -5.84 14.42
C ASP A 2 -0.41 -4.38 14.05
N TRP A 3 0.37 -3.67 14.81
CA TRP A 3 0.64 -2.25 14.51
C TRP A 3 1.21 -2.12 13.10
N LEU A 4 1.96 -3.11 12.69
CA LEU A 4 2.60 -3.07 11.36
C LEU A 4 1.52 -2.94 10.28
N LYS A 5 0.37 -3.52 10.50
CA LYS A 5 -0.71 -3.39 9.48
C LYS A 5 -0.90 -1.91 9.19
N ALA A 6 -0.76 -1.09 10.19
CA ALA A 6 -0.91 0.39 9.96
C ALA A 6 0.25 0.87 9.11
N ARG A 7 1.43 0.33 9.32
CA ARG A 7 2.60 0.76 8.50
C ARG A 7 2.22 0.72 7.02
N VAL A 8 1.51 -0.30 6.62
CA VAL A 8 1.10 -0.42 5.19
C VAL A 8 -0.03 0.55 4.89
N GLU A 9 -0.93 0.75 5.81
CA GLU A 9 -2.06 1.69 5.57
C GLU A 9 -1.51 3.07 5.22
N GLN A 10 -0.77 3.66 6.11
CA GLN A 10 -0.21 5.01 5.83
C GLN A 10 0.60 4.96 4.53
N GLU A 11 1.06 3.80 4.15
CA GLU A 11 1.85 3.69 2.90
C GLU A 11 0.94 3.93 1.69
N LEU A 12 -0.06 3.11 1.51
CA LEU A 12 -0.97 3.29 0.36
C LEU A 12 -1.98 4.41 0.65
N GLN A 13 -1.84 5.07 1.77
CA GLN A 13 -2.79 6.16 2.12
C GLN A 13 -2.61 7.32 1.12
N ALA A 14 -1.47 7.94 1.12
CA ALA A 14 -1.24 9.08 0.19
C ALA A 14 -0.97 8.54 -1.22
N LEU A 15 -0.67 7.28 -1.34
CA LEU A 15 -0.40 6.71 -2.69
C LEU A 15 -1.67 6.73 -3.53
N GLU A 16 -2.79 6.42 -2.93
CA GLU A 16 -4.08 6.43 -3.69
C GLU A 16 -4.73 7.81 -3.59
N ALA A 17 -4.73 8.39 -2.41
CA ALA A 17 -5.34 9.73 -2.24
C ALA A 17 -4.71 10.71 -3.23
N ARG A 18 -3.40 10.74 -3.28
CA ARG A 18 -2.73 11.68 -4.23
C ARG A 18 -1.58 10.95 -4.93
N GLY A 19 -1.90 10.00 -5.76
CA GLY A 19 -0.83 9.25 -6.48
C GLY A 19 -0.65 9.83 -7.88
N THR A 20 -1.12 11.03 -8.10
CA THR A 20 -0.98 11.67 -9.44
C THR A 20 -1.22 10.63 -10.54
N ASP A 21 -2.45 10.24 -10.74
CA ASP A 21 -2.73 9.23 -11.80
C ASP A 21 -2.32 7.84 -11.30
N SER A 22 -2.81 7.44 -10.16
CA SER A 22 -2.44 6.11 -9.62
C SER A 22 -3.70 5.27 -9.42
N ASN A 23 -4.76 5.59 -10.10
CA ASN A 23 -6.01 4.81 -9.96
C ASN A 23 -6.00 3.62 -10.93
N ALA A 24 -4.87 3.35 -11.48
CA ALA A 24 -4.76 2.22 -12.44
C ALA A 24 -3.69 1.24 -11.95
N GLU A 25 -2.56 1.75 -11.55
CA GLU A 25 -1.47 0.86 -11.06
C GLU A 25 -1.79 0.38 -9.64
N LEU A 26 -2.93 0.77 -9.11
CA LEU A 26 -3.29 0.34 -7.74
C LEU A 26 -3.28 -1.19 -7.66
N ARG A 27 -3.38 -1.85 -8.78
CA ARG A 27 -3.38 -3.34 -8.76
C ARG A 27 -1.99 -3.84 -8.34
N ALA A 28 -0.96 -3.36 -8.97
CA ALA A 28 0.41 -3.82 -8.61
C ALA A 28 0.64 -3.63 -7.11
N MET A 29 -0.05 -2.71 -6.50
CA MET A 29 0.13 -2.48 -5.04
C MET A 29 -0.36 -3.71 -4.27
N GLU A 30 -1.46 -4.27 -4.67
CA GLU A 30 -2.00 -5.47 -3.95
C GLU A 30 -0.91 -6.55 -3.87
N ALA A 31 -0.14 -6.70 -4.91
CA ALA A 31 0.94 -7.73 -4.90
C ALA A 31 1.98 -7.40 -3.84
N LYS A 32 2.61 -6.27 -3.93
CA LYS A 32 3.64 -5.90 -2.93
C LYS A 32 2.99 -5.62 -1.58
N LEU A 33 1.69 -5.65 -1.51
CA LEU A 33 1.00 -5.37 -0.22
C LEU A 33 1.14 -6.59 0.71
N LYS A 34 0.42 -7.64 0.44
CA LYS A 34 0.50 -8.84 1.31
C LYS A 34 1.89 -9.48 1.21
N ALA A 35 2.71 -9.02 0.30
CA ALA A 35 4.07 -9.60 0.16
C ALA A 35 5.03 -8.89 1.11
N GLU A 36 4.97 -7.60 1.19
CA GLU A 36 5.89 -6.85 2.10
C GLU A 36 5.36 -6.90 3.53
N ILE A 37 4.07 -6.99 3.69
CA ILE A 37 3.49 -7.02 5.06
C ILE A 37 3.69 -8.41 5.66
N GLN A 38 3.63 -9.44 4.86
CA GLN A 38 3.81 -10.81 5.39
C GLN A 38 5.07 -10.86 6.26
N LYS A 39 6.07 -10.10 5.92
CA LYS A 39 7.32 -10.10 6.72
C LYS A 39 8.42 -9.36 5.95
N ASP A 2 -8.27 10.63 -6.53
CA ASP A 2 -7.65 10.92 -5.21
C ASP A 2 -8.17 9.93 -4.17
N TRP A 3 -9.38 9.48 -4.32
CA TRP A 3 -9.95 8.53 -3.33
C TRP A 3 -9.08 7.27 -3.26
N LEU A 4 -8.52 6.87 -4.37
CA LEU A 4 -7.69 5.63 -4.38
C LEU A 4 -6.60 5.70 -3.30
N LYS A 5 -6.22 6.87 -2.90
CA LYS A 5 -5.17 6.98 -1.84
C LYS A 5 -5.73 6.45 -0.52
N ALA A 6 -6.97 6.75 -0.24
CA ALA A 6 -7.59 6.27 1.03
C ALA A 6 -8.04 4.81 0.87
N ARG A 7 -8.39 4.43 -0.33
CA ARG A 7 -8.84 3.03 -0.57
C ARG A 7 -7.62 2.11 -0.70
N VAL A 8 -6.47 2.67 -0.96
CA VAL A 8 -5.26 1.83 -1.08
C VAL A 8 -4.70 1.53 0.31
N GLU A 9 -4.79 2.48 1.21
CA GLU A 9 -4.27 2.26 2.58
C GLU A 9 -5.00 1.06 3.21
N GLN A 10 -6.18 0.77 2.74
CA GLN A 10 -6.95 -0.37 3.30
C GLN A 10 -6.22 -1.68 2.98
N GLU A 11 -6.09 -2.01 1.73
CA GLU A 11 -5.40 -3.27 1.35
C GLU A 11 -4.04 -3.34 2.05
N LEU A 12 -3.32 -2.24 2.06
CA LEU A 12 -1.98 -2.25 2.73
C LEU A 12 -2.11 -2.73 4.16
N GLN A 13 -3.01 -2.15 4.91
CA GLN A 13 -3.19 -2.58 6.33
C GLN A 13 -3.63 -4.04 6.37
N ALA A 14 -4.20 -4.53 5.30
CA ALA A 14 -4.66 -5.94 5.28
C ALA A 14 -3.46 -6.88 5.21
N LEU A 15 -2.40 -6.46 4.57
CA LEU A 15 -1.19 -7.33 4.47
C LEU A 15 -0.41 -7.29 5.79
N GLU A 16 -0.20 -6.12 6.32
CA GLU A 16 0.56 -6.02 7.60
C GLU A 16 -0.26 -6.63 8.73
N ALA A 17 -1.56 -6.65 8.60
CA ALA A 17 -2.41 -7.24 9.67
C ALA A 17 -2.20 -8.76 9.72
N ARG A 18 -1.53 -9.30 8.74
CA ARG A 18 -1.30 -10.77 8.73
C ARG A 18 0.07 -11.08 8.12
N GLY A 19 1.11 -10.55 8.70
CA GLY A 19 2.48 -10.80 8.16
C GLY A 19 3.49 -10.76 9.30
N THR A 20 4.36 -11.75 9.37
CA THR A 20 5.38 -11.77 10.45
C THR A 20 6.77 -11.56 9.86
N ASP A 21 6.85 -11.24 8.59
CA ASP A 21 8.18 -11.04 7.96
C ASP A 21 8.02 -10.15 6.72
N SER A 22 7.63 -8.92 6.91
CA SER A 22 7.45 -8.00 5.76
C SER A 22 6.99 -6.63 6.24
N ASN A 23 7.42 -6.23 7.41
CA ASN A 23 7.00 -4.91 7.95
C ASN A 23 8.06 -3.87 7.59
N ALA A 24 8.85 -4.15 6.59
CA ALA A 24 9.91 -3.19 6.19
C ALA A 24 9.76 -2.86 4.70
N GLU A 25 9.49 -3.85 3.89
CA GLU A 25 9.33 -3.59 2.43
C GLU A 25 8.24 -2.53 2.22
N LEU A 26 7.32 -2.43 3.14
CA LEU A 26 6.23 -1.42 3.00
C LEU A 26 6.84 -0.06 2.68
N ARG A 27 7.93 0.28 3.33
CA ARG A 27 8.57 1.60 3.06
C ARG A 27 8.78 1.75 1.55
N ALA A 28 9.37 0.78 0.92
CA ALA A 28 9.60 0.87 -0.54
C ALA A 28 8.25 0.87 -1.27
N MET A 29 7.26 0.22 -0.71
CA MET A 29 5.93 0.19 -1.38
C MET A 29 5.38 1.62 -1.48
N GLU A 30 5.77 2.48 -0.58
CA GLU A 30 5.28 3.88 -0.63
C GLU A 30 5.52 4.46 -2.02
N ALA A 31 6.72 4.33 -2.52
CA ALA A 31 7.02 4.87 -3.88
C ALA A 31 6.13 4.17 -4.90
N LYS A 32 5.94 2.89 -4.77
CA LYS A 32 5.09 2.14 -5.74
C LYS A 32 3.69 2.76 -5.75
N LEU A 33 3.28 3.38 -4.68
CA LEU A 33 1.92 3.99 -4.64
C LEU A 33 1.82 5.07 -5.72
N LYS A 34 2.79 5.94 -5.80
CA LYS A 34 2.74 7.01 -6.83
C LYS A 34 2.71 6.39 -8.23
N ALA A 35 3.24 5.21 -8.39
CA ALA A 35 3.26 4.57 -9.73
C ALA A 35 1.82 4.35 -10.21
N GLU A 36 0.89 4.19 -9.30
CA GLU A 36 -0.52 3.97 -9.72
C GLU A 36 -1.24 5.31 -9.83
N ILE A 37 -1.40 6.01 -8.75
CA ILE A 37 -2.10 7.33 -8.80
C ILE A 37 -1.56 8.16 -9.97
N GLN A 38 -0.36 7.89 -10.40
CA GLN A 38 0.21 8.68 -11.53
C GLN A 38 -0.84 8.80 -12.65
N LYS A 39 -1.42 7.71 -13.05
CA LYS A 39 -2.45 7.78 -14.13
C LYS A 39 -3.49 8.85 -13.80
N ASP A 2 6.90 -9.73 9.23
CA ASP A 2 5.51 -10.23 8.99
C ASP A 2 4.50 -9.26 9.62
N TRP A 3 4.74 -8.84 10.83
CA TRP A 3 3.78 -7.92 11.50
C TRP A 3 3.52 -6.70 10.59
N LEU A 4 4.43 -6.41 9.71
CA LEU A 4 4.24 -5.24 8.80
C LEU A 4 2.91 -5.39 8.06
N LYS A 5 2.65 -6.55 7.53
CA LYS A 5 1.37 -6.77 6.79
C LYS A 5 0.20 -6.20 7.60
N ALA A 6 0.25 -6.34 8.90
CA ALA A 6 -0.86 -5.80 9.74
C ALA A 6 -0.74 -4.29 9.83
N ARG A 7 0.45 -3.78 9.99
CA ARG A 7 0.63 -2.31 10.08
C ARG A 7 0.78 -1.70 8.69
N VAL A 8 0.57 -2.47 7.67
CA VAL A 8 0.71 -1.93 6.29
C VAL A 8 -0.64 -1.37 5.82
N GLU A 9 -1.66 -2.18 5.78
CA GLU A 9 -2.99 -1.68 5.34
C GLU A 9 -3.36 -0.42 6.14
N GLN A 10 -3.26 -0.48 7.43
CA GLN A 10 -3.62 0.70 8.26
C GLN A 10 -2.74 1.89 7.86
N GLU A 11 -1.55 1.63 7.39
CA GLU A 11 -0.64 2.75 7.00
C GLU A 11 -1.18 3.44 5.74
N LEU A 12 -1.37 2.70 4.68
CA LEU A 12 -1.87 3.32 3.43
C LEU A 12 -3.40 3.39 3.44
N GLN A 13 -4.01 3.32 4.59
CA GLN A 13 -5.50 3.39 4.65
C GLN A 13 -5.95 4.84 4.43
N ALA A 14 -5.28 5.77 5.06
CA ALA A 14 -5.66 7.20 4.89
C ALA A 14 -5.14 7.72 3.56
N LEU A 15 -4.31 6.96 2.90
CA LEU A 15 -3.76 7.42 1.59
C LEU A 15 -4.86 7.35 0.52
N GLU A 16 -5.59 6.27 0.48
CA GLU A 16 -6.68 6.14 -0.52
C GLU A 16 -7.85 7.04 -0.13
N ALA A 17 -7.95 7.39 1.12
CA ALA A 17 -9.07 8.27 1.57
C ALA A 17 -8.89 9.67 0.99
N ARG A 18 -7.66 10.08 0.78
CA ARG A 18 -7.43 11.44 0.22
C ARG A 18 -6.63 11.32 -1.08
N GLY A 19 -7.15 10.60 -2.04
CA GLY A 19 -6.41 10.44 -3.33
C GLY A 19 -7.38 10.71 -4.50
N THR A 20 -7.03 11.62 -5.36
CA THR A 20 -7.92 11.93 -6.51
C THR A 20 -7.52 11.05 -7.70
N ASP A 21 -6.75 10.02 -7.46
CA ASP A 21 -6.32 9.14 -8.58
C ASP A 21 -6.24 7.70 -8.07
N SER A 22 -7.36 7.01 -8.01
CA SER A 22 -7.34 5.61 -7.52
C SER A 22 -8.43 4.81 -8.23
N ASN A 23 -8.98 3.83 -7.57
CA ASN A 23 -10.05 3.02 -8.21
C ASN A 23 -9.50 2.34 -9.46
N ALA A 24 -8.21 2.30 -9.58
CA ALA A 24 -7.60 1.67 -10.79
C ALA A 24 -6.29 0.99 -10.38
N GLU A 25 -5.42 1.70 -9.70
CA GLU A 25 -4.14 1.09 -9.28
C GLU A 25 -4.34 0.24 -8.02
N LEU A 26 -5.53 0.23 -7.47
CA LEU A 26 -5.78 -0.59 -6.26
C LEU A 26 -5.18 -1.98 -6.45
N ARG A 27 -5.21 -2.49 -7.65
CA ARG A 27 -4.64 -3.85 -7.89
C ARG A 27 -3.11 -3.77 -7.87
N ALA A 28 -2.54 -2.80 -8.54
CA ALA A 28 -1.06 -2.68 -8.56
C ALA A 28 -0.54 -2.47 -7.13
N MET A 29 -1.42 -2.15 -6.22
CA MET A 29 -0.97 -1.94 -4.81
C MET A 29 -0.39 -3.24 -4.25
N GLU A 30 -1.00 -4.35 -4.55
CA GLU A 30 -0.48 -5.65 -4.04
C GLU A 30 0.96 -5.85 -4.53
N ALA A 31 1.25 -5.47 -5.74
CA ALA A 31 2.62 -5.65 -6.28
C ALA A 31 3.61 -4.86 -5.43
N LYS A 32 3.47 -3.57 -5.36
CA LYS A 32 4.41 -2.74 -4.55
C LYS A 32 4.31 -3.14 -3.08
N LEU A 33 3.25 -3.79 -2.69
CA LEU A 33 3.10 -4.21 -1.26
C LEU A 33 4.37 -4.94 -0.81
N LYS A 34 4.62 -6.09 -1.35
CA LYS A 34 5.83 -6.87 -0.95
C LYS A 34 7.08 -6.01 -1.17
N ALA A 35 6.97 -4.97 -1.96
CA ALA A 35 8.15 -4.10 -2.20
C ALA A 35 8.42 -3.24 -0.97
N GLU A 36 7.39 -2.77 -0.32
CA GLU A 36 7.59 -1.92 0.89
C GLU A 36 8.06 -2.79 2.05
N ILE A 37 7.35 -3.85 2.34
CA ILE A 37 7.77 -4.73 3.47
C ILE A 37 9.18 -5.24 3.23
N GLN A 38 9.56 -5.44 1.99
CA GLN A 38 10.94 -5.93 1.70
C GLN A 38 11.96 -4.95 2.29
N LYS A 39 11.87 -3.70 1.91
CA LYS A 39 12.83 -2.69 2.44
C LYS A 39 12.51 -2.43 3.92
N ASP A 2 -2.54 -8.80 12.06
CA ASP A 2 -3.72 -8.32 11.28
C ASP A 2 -3.74 -6.79 11.30
N TRP A 3 -3.43 -6.20 12.42
CA TRP A 3 -3.44 -4.71 12.52
C TRP A 3 -2.39 -4.12 11.58
N LEU A 4 -1.30 -4.80 11.39
CA LEU A 4 -0.22 -4.25 10.51
C LEU A 4 -0.76 -4.03 9.10
N LYS A 5 -1.87 -4.62 8.75
CA LYS A 5 -2.42 -4.42 7.39
C LYS A 5 -3.06 -3.03 7.31
N ALA A 6 -3.58 -2.56 8.41
CA ALA A 6 -4.20 -1.20 8.42
C ALA A 6 -3.14 -0.15 8.74
N ARG A 7 -2.13 -0.52 9.48
CA ARG A 7 -1.07 0.46 9.83
C ARG A 7 0.01 0.46 8.75
N VAL A 8 0.05 -0.56 7.92
CA VAL A 8 1.07 -0.60 6.84
C VAL A 8 0.56 0.15 5.62
N GLU A 9 -0.74 0.24 5.47
CA GLU A 9 -1.30 0.96 4.30
C GLU A 9 -1.02 2.46 4.44
N GLN A 10 -1.31 3.03 5.58
CA GLN A 10 -1.06 4.48 5.77
C GLN A 10 0.42 4.79 5.49
N GLU A 11 1.31 3.97 6.00
CA GLU A 11 2.76 4.23 5.77
C GLU A 11 3.06 4.20 4.27
N LEU A 12 2.59 3.20 3.58
CA LEU A 12 2.85 3.10 2.12
C LEU A 12 2.21 4.28 1.40
N GLN A 13 1.34 4.99 2.06
CA GLN A 13 0.67 6.15 1.41
C GLN A 13 1.71 7.23 1.08
N ALA A 14 2.86 7.19 1.71
CA ALA A 14 3.91 8.20 1.43
C ALA A 14 4.32 8.11 -0.05
N LEU A 15 4.03 7.01 -0.69
CA LEU A 15 4.41 6.86 -2.12
C LEU A 15 3.46 7.68 -2.99
N GLU A 16 2.25 7.22 -3.17
CA GLU A 16 1.28 7.98 -4.02
C GLU A 16 1.24 9.44 -3.55
N ALA A 17 1.62 9.69 -2.33
CA ALA A 17 1.60 11.09 -1.82
C ALA A 17 2.32 12.00 -2.82
N ARG A 18 3.59 11.79 -3.03
CA ARG A 18 4.33 12.65 -3.99
C ARG A 18 4.56 11.87 -5.29
N GLY A 19 3.54 11.21 -5.78
CA GLY A 19 3.71 10.44 -7.05
C GLY A 19 2.40 10.51 -7.85
N THR A 20 2.45 11.09 -9.02
CA THR A 20 1.21 11.19 -9.84
C THR A 20 1.30 10.18 -11.00
N ASP A 21 2.19 9.24 -10.92
CA ASP A 21 2.32 8.23 -12.01
C ASP A 21 1.96 6.85 -11.47
N SER A 22 0.75 6.66 -11.02
CA SER A 22 0.35 5.33 -10.49
C SER A 22 -1.09 5.40 -9.98
N ASN A 23 -1.93 6.13 -10.64
CA ASN A 23 -3.35 6.23 -10.18
C ASN A 23 -4.18 5.15 -10.86
N ALA A 24 -3.52 4.18 -11.41
CA ALA A 24 -4.26 3.07 -12.10
C ALA A 24 -3.91 1.74 -11.42
N GLU A 25 -2.68 1.56 -11.04
CA GLU A 25 -2.28 0.29 -10.38
C GLU A 25 -2.60 0.37 -8.89
N LEU A 26 -3.33 1.38 -8.48
CA LEU A 26 -3.68 1.51 -7.04
C LEU A 26 -4.35 0.23 -6.55
N ARG A 27 -5.07 -0.43 -7.42
CA ARG A 27 -5.77 -1.69 -7.01
C ARG A 27 -4.74 -2.83 -6.94
N ALA A 28 -3.87 -2.92 -7.91
CA ALA A 28 -2.85 -4.00 -7.89
C ALA A 28 -1.88 -3.77 -6.74
N MET A 29 -1.91 -2.60 -6.14
CA MET A 29 -0.98 -2.32 -5.01
C MET A 29 -1.37 -3.20 -3.81
N GLU A 30 -2.62 -3.50 -3.67
CA GLU A 30 -3.05 -4.34 -2.52
C GLU A 30 -2.34 -5.70 -2.59
N ALA A 31 -2.10 -6.19 -3.79
CA ALA A 31 -1.40 -7.49 -3.92
C ALA A 31 0.01 -7.39 -3.35
N LYS A 32 0.74 -6.37 -3.73
CA LYS A 32 2.12 -6.22 -3.21
C LYS A 32 2.09 -6.04 -1.69
N LEU A 33 0.97 -5.64 -1.15
CA LEU A 33 0.88 -5.44 0.33
C LEU A 33 1.27 -6.73 1.04
N LYS A 34 0.85 -7.86 0.54
CA LYS A 34 1.20 -9.15 1.20
C LYS A 34 2.72 -9.29 1.31
N ALA A 35 3.45 -8.72 0.38
CA ALA A 35 4.93 -8.82 0.43
C ALA A 35 5.44 -8.16 1.70
N GLU A 36 4.79 -7.11 2.15
CA GLU A 36 5.25 -6.41 3.39
C GLU A 36 4.88 -7.26 4.60
N ILE A 37 3.62 -7.47 4.84
CA ILE A 37 3.20 -8.29 6.02
C ILE A 37 3.98 -9.60 6.03
N GLN A 38 4.41 -10.05 4.88
CA GLN A 38 5.17 -11.34 4.83
C GLN A 38 6.21 -11.36 5.95
N LYS A 39 7.10 -10.41 5.95
CA LYS A 39 8.14 -10.37 7.02
C LYS A 39 7.48 -10.16 8.38
N ASP A 2 -1.62 9.98 -10.04
CA ASP A 2 -0.53 10.69 -9.30
C ASP A 2 -1.01 11.00 -7.88
N TRP A 3 -2.11 11.70 -7.75
CA TRP A 3 -2.62 12.05 -6.40
C TRP A 3 -2.69 10.79 -5.54
N LEU A 4 -3.02 9.67 -6.15
CA LEU A 4 -3.13 8.42 -5.37
C LEU A 4 -1.85 8.16 -4.60
N LYS A 5 -0.72 8.39 -5.21
CA LYS A 5 0.57 8.16 -4.49
C LYS A 5 0.48 8.78 -3.09
N ALA A 6 -0.14 9.93 -2.99
CA ALA A 6 -0.27 10.59 -1.67
C ALA A 6 -1.24 9.80 -0.78
N ARG A 7 -2.40 9.49 -1.28
CA ARG A 7 -3.39 8.74 -0.48
C ARG A 7 -3.03 7.24 -0.46
N VAL A 8 -1.91 6.89 -1.04
CA VAL A 8 -1.51 5.46 -1.05
C VAL A 8 -0.72 5.14 0.23
N GLU A 9 0.45 5.68 0.36
CA GLU A 9 1.25 5.40 1.59
C GLU A 9 0.35 5.51 2.82
N GLN A 10 -0.50 6.49 2.85
CA GLN A 10 -1.41 6.66 4.02
C GLN A 10 -2.33 5.45 4.13
N GLU A 11 -2.94 5.04 3.04
CA GLU A 11 -3.84 3.86 3.08
C GLU A 11 -3.11 2.67 3.71
N LEU A 12 -1.92 2.39 3.26
CA LEU A 12 -1.16 1.25 3.82
C LEU A 12 -1.01 1.42 5.33
N GLN A 13 -0.82 2.63 5.78
CA GLN A 13 -0.66 2.87 7.25
C GLN A 13 -1.88 2.32 7.98
N ALA A 14 -3.05 2.48 7.41
CA ALA A 14 -4.28 1.97 8.07
C ALA A 14 -4.32 0.44 8.00
N LEU A 15 -3.73 -0.12 7.00
CA LEU A 15 -3.73 -1.62 6.87
C LEU A 15 -2.88 -2.23 7.99
N GLU A 16 -1.84 -1.56 8.39
CA GLU A 16 -0.97 -2.11 9.47
C GLU A 16 -1.42 -1.53 10.82
N ALA A 17 -2.32 -0.60 10.80
CA ALA A 17 -2.79 0.01 12.08
C ALA A 17 -3.65 -1.00 12.84
N ARG A 18 -4.06 -2.06 12.19
CA ARG A 18 -4.89 -3.09 12.87
C ARG A 18 -4.98 -4.34 12.00
N GLY A 19 -3.86 -4.88 11.61
CA GLY A 19 -3.89 -6.10 10.75
C GLY A 19 -3.58 -7.33 11.62
N THR A 20 -3.69 -8.50 11.06
CA THR A 20 -3.41 -9.73 11.84
C THR A 20 -2.16 -10.42 11.28
N ASP A 21 -1.35 -9.69 10.55
CA ASP A 21 -0.13 -10.30 9.97
C ASP A 21 0.72 -9.21 9.31
N SER A 22 0.97 -8.14 10.01
CA SER A 22 1.77 -7.03 9.43
C SER A 22 3.26 -7.39 9.47
N ASN A 23 4.11 -6.43 9.19
CA ASN A 23 5.58 -6.71 9.20
C ASN A 23 5.90 -7.85 8.25
N ALA A 24 4.99 -8.14 7.36
CA ALA A 24 5.23 -9.24 6.39
C ALA A 24 4.69 -8.83 5.02
N GLU A 25 3.50 -8.29 4.98
CA GLU A 25 2.92 -7.86 3.68
C GLU A 25 3.44 -6.48 3.28
N LEU A 26 4.48 -6.02 3.93
CA LEU A 26 5.02 -4.67 3.58
C LEU A 26 5.71 -4.73 2.22
N ARG A 27 6.86 -5.36 2.16
CA ARG A 27 7.58 -5.45 0.86
C ARG A 27 6.69 -6.19 -0.15
N ALA A 28 6.00 -7.21 0.28
CA ALA A 28 5.12 -7.96 -0.66
C ALA A 28 4.04 -7.02 -1.20
N MET A 29 3.52 -6.15 -0.39
CA MET A 29 2.47 -5.22 -0.87
C MET A 29 3.09 -4.19 -1.82
N GLU A 30 4.39 -4.07 -1.81
CA GLU A 30 5.04 -3.08 -2.72
C GLU A 30 4.83 -3.50 -4.18
N ALA A 31 4.82 -4.78 -4.44
CA ALA A 31 4.62 -5.25 -5.84
C ALA A 31 3.21 -4.89 -6.30
N LYS A 32 2.26 -4.84 -5.39
CA LYS A 32 0.88 -4.50 -5.78
C LYS A 32 0.70 -2.98 -5.85
N LEU A 33 1.62 -2.25 -5.28
CA LEU A 33 1.51 -0.76 -5.32
C LEU A 33 1.34 -0.29 -6.75
N LYS A 34 2.33 -0.46 -7.58
CA LYS A 34 2.22 -0.01 -8.99
C LYS A 34 1.14 -0.82 -9.71
N ALA A 35 0.63 -1.85 -9.08
CA ALA A 35 -0.43 -2.66 -9.74
C ALA A 35 -1.77 -1.95 -9.62
N GLU A 36 -1.92 -1.12 -8.62
CA GLU A 36 -3.21 -0.39 -8.45
C GLU A 36 -3.15 0.94 -9.21
N ILE A 37 -2.03 1.61 -9.17
CA ILE A 37 -1.92 2.91 -9.88
C ILE A 37 -2.44 2.75 -11.32
N GLN A 38 -2.26 1.61 -11.90
CA GLN A 38 -2.75 1.40 -13.29
C GLN A 38 -4.22 1.79 -13.37
N LYS A 39 -5.09 1.04 -12.76
CA LYS A 39 -6.53 1.37 -12.79
C LYS A 39 -6.86 2.36 -11.67
N ASP A 2 1.14 -10.77 10.80
CA ASP A 2 -0.04 -10.93 9.91
C ASP A 2 -0.96 -9.72 10.06
N TRP A 3 -1.10 -9.21 11.25
CA TRP A 3 -1.98 -8.03 11.48
C TRP A 3 -1.53 -6.87 10.59
N LEU A 4 -0.25 -6.65 10.50
CA LEU A 4 0.26 -5.51 9.67
C LEU A 4 -0.38 -5.56 8.28
N LYS A 5 -0.75 -6.72 7.82
CA LYS A 5 -1.37 -6.81 6.48
C LYS A 5 -2.68 -6.02 6.48
N ALA A 6 -3.46 -6.17 7.50
CA ALA A 6 -4.75 -5.43 7.57
C ALA A 6 -4.49 -3.96 7.92
N ARG A 7 -3.47 -3.69 8.69
CA ARG A 7 -3.17 -2.28 9.08
C ARG A 7 -2.29 -1.62 8.00
N VAL A 8 -1.86 -2.36 7.03
CA VAL A 8 -1.01 -1.77 5.96
C VAL A 8 -1.90 -1.26 4.82
N GLU A 9 -2.98 -1.94 4.55
CA GLU A 9 -3.88 -1.49 3.46
C GLU A 9 -4.54 -0.16 3.85
N GLN A 10 -5.18 -0.10 4.99
CA GLN A 10 -5.82 1.16 5.41
C GLN A 10 -4.76 2.25 5.61
N GLU A 11 -3.52 1.88 5.67
CA GLU A 11 -2.45 2.90 5.86
C GLU A 11 -2.09 3.53 4.51
N LEU A 12 -1.82 2.72 3.52
CA LEU A 12 -1.46 3.28 2.19
C LEU A 12 -2.66 4.01 1.59
N GLN A 13 -3.85 3.65 1.97
CA GLN A 13 -5.06 4.33 1.41
C GLN A 13 -4.92 5.84 1.59
N ALA A 14 -4.07 6.27 2.50
CA ALA A 14 -3.89 7.73 2.72
C ALA A 14 -3.36 8.39 1.44
N LEU A 15 -2.31 7.85 0.88
CA LEU A 15 -1.75 8.44 -0.37
C LEU A 15 -2.66 8.10 -1.54
N GLU A 16 -3.46 7.08 -1.42
CA GLU A 16 -4.37 6.70 -2.53
C GLU A 16 -5.72 7.38 -2.34
N ALA A 17 -5.91 8.08 -1.25
CA ALA A 17 -7.20 8.77 -1.01
C ALA A 17 -7.22 10.11 -1.75
N ARG A 18 -6.09 10.61 -2.13
CA ARG A 18 -6.05 11.90 -2.86
C ARG A 18 -4.62 12.20 -3.32
N GLY A 19 -4.21 11.62 -4.42
CA GLY A 19 -2.84 11.86 -4.92
C GLY A 19 -2.90 12.42 -6.34
N THR A 20 -1.78 12.54 -7.00
CA THR A 20 -1.76 13.07 -8.38
C THR A 20 -1.91 11.92 -9.37
N ASP A 21 -0.85 11.54 -10.02
CA ASP A 21 -0.92 10.42 -11.00
C ASP A 21 -0.63 9.10 -10.27
N SER A 22 -1.33 8.82 -9.21
CA SER A 22 -1.09 7.56 -8.47
C SER A 22 -1.91 6.42 -9.09
N ASN A 23 -2.34 6.58 -10.31
CA ASN A 23 -3.14 5.50 -10.97
C ASN A 23 -2.20 4.56 -11.72
N ALA A 24 -0.95 4.53 -11.33
CA ALA A 24 0.02 3.64 -12.01
C ALA A 24 0.71 2.75 -10.98
N GLU A 25 1.18 3.33 -9.90
CA GLU A 25 1.86 2.51 -8.86
C GLU A 25 0.88 1.49 -8.29
N LEU A 26 -0.39 1.63 -8.58
CA LEU A 26 -1.39 0.67 -8.04
C LEU A 26 -0.86 -0.75 -8.17
N ARG A 27 -0.18 -1.05 -9.25
CA ARG A 27 0.37 -2.42 -9.43
C ARG A 27 1.52 -2.64 -8.44
N ALA A 28 2.41 -1.70 -8.34
CA ALA A 28 3.55 -1.85 -7.40
C ALA A 28 3.03 -1.73 -5.95
N MET A 29 1.78 -1.42 -5.79
CA MET A 29 1.21 -1.29 -4.42
C MET A 29 1.03 -2.68 -3.81
N GLU A 30 0.52 -3.61 -4.58
CA GLU A 30 0.32 -4.99 -4.05
C GLU A 30 1.69 -5.64 -3.81
N ALA A 31 2.64 -5.36 -4.64
CA ALA A 31 3.99 -5.96 -4.47
C ALA A 31 4.61 -5.46 -3.17
N LYS A 32 4.73 -4.17 -3.02
CA LYS A 32 5.34 -3.61 -1.78
C LYS A 32 4.50 -4.02 -0.57
N LEU A 33 3.29 -4.45 -0.79
CA LEU A 33 2.42 -4.87 0.34
C LEU A 33 3.15 -5.92 1.18
N LYS A 34 3.26 -7.12 0.68
CA LYS A 34 3.95 -8.19 1.45
C LYS A 34 5.45 -7.89 1.52
N ALA A 35 5.90 -6.86 0.85
CA ALA A 35 7.35 -6.52 0.90
C ALA A 35 7.64 -5.71 2.16
N GLU A 36 6.68 -4.99 2.66
CA GLU A 36 6.91 -4.19 3.89
C GLU A 36 6.61 -5.04 5.12
N ILE A 37 5.65 -5.92 5.03
CA ILE A 37 5.31 -6.78 6.19
C ILE A 37 6.60 -7.33 6.82
N GLN A 38 7.60 -7.57 6.02
CA GLN A 38 8.88 -8.11 6.59
C GLN A 38 9.34 -7.24 7.76
N LYS A 39 9.68 -6.00 7.49
CA LYS A 39 10.13 -5.10 8.59
C LYS A 39 9.17 -3.92 8.71
N ASP A 2 -2.53 10.00 -8.42
CA ASP A 2 -2.38 11.19 -7.54
C ASP A 2 -3.24 11.02 -6.29
N TRP A 3 -4.44 11.54 -6.30
CA TRP A 3 -5.30 11.40 -5.10
C TRP A 3 -5.26 9.96 -4.59
N LEU A 4 -5.19 9.01 -5.49
CA LEU A 4 -5.17 7.59 -5.08
C LEU A 4 -3.98 7.35 -4.14
N LYS A 5 -2.82 7.82 -4.51
CA LYS A 5 -1.63 7.61 -3.63
C LYS A 5 -2.01 7.99 -2.20
N ALA A 6 -2.92 8.91 -2.04
CA ALA A 6 -3.34 9.33 -0.67
C ALA A 6 -4.37 8.33 -0.14
N ARG A 7 -5.24 7.84 -0.98
CA ARG A 7 -6.27 6.89 -0.52
C ARG A 7 -5.73 5.45 -0.62
N VAL A 8 -4.49 5.29 -0.97
CA VAL A 8 -3.92 3.93 -1.09
C VAL A 8 -3.28 3.52 0.25
N GLU A 9 -2.51 4.40 0.83
CA GLU A 9 -1.85 4.06 2.13
C GLU A 9 -2.91 3.60 3.14
N GLN A 10 -4.13 4.03 2.97
CA GLN A 10 -5.20 3.63 3.92
C GLN A 10 -5.51 2.14 3.73
N GLU A 11 -5.60 1.69 2.51
CA GLU A 11 -5.90 0.26 2.27
C GLU A 11 -4.77 -0.61 2.82
N LEU A 12 -3.56 -0.38 2.38
CA LEU A 12 -2.41 -1.19 2.88
C LEU A 12 -2.32 -1.06 4.41
N GLN A 13 -2.65 0.09 4.94
CA GLN A 13 -2.57 0.28 6.41
C GLN A 13 -3.64 -0.58 7.09
N ALA A 14 -4.75 -0.79 6.44
CA ALA A 14 -5.82 -1.62 7.05
C ALA A 14 -5.30 -3.05 7.27
N LEU A 15 -4.44 -3.51 6.42
CA LEU A 15 -3.90 -4.90 6.58
C LEU A 15 -2.96 -4.94 7.78
N GLU A 16 -2.46 -3.80 8.20
CA GLU A 16 -1.55 -3.78 9.37
C GLU A 16 -2.31 -3.30 10.60
N ALA A 17 -3.47 -2.74 10.41
CA ALA A 17 -4.27 -2.26 11.58
C ALA A 17 -4.86 -3.45 12.33
N ARG A 18 -4.81 -4.62 11.75
CA ARG A 18 -5.37 -5.81 12.44
C ARG A 18 -4.43 -7.00 12.25
N GLY A 19 -3.15 -6.78 12.43
CA GLY A 19 -2.19 -7.90 12.27
C GLY A 19 -0.86 -7.53 12.95
N THR A 20 -0.04 -8.51 13.22
CA THR A 20 1.27 -8.21 13.89
C THR A 20 2.40 -8.84 13.08
N ASP A 21 2.31 -8.79 11.78
CA ASP A 21 3.39 -9.39 10.94
C ASP A 21 3.43 -8.68 9.58
N SER A 22 3.93 -7.49 9.53
CA SER A 22 3.99 -6.75 8.25
C SER A 22 4.62 -5.37 8.46
N ASN A 23 5.57 -5.29 9.35
CA ASN A 23 6.22 -3.97 9.62
C ASN A 23 7.59 -3.94 8.94
N ALA A 24 7.77 -4.74 7.92
CA ALA A 24 9.08 -4.77 7.23
C ALA A 24 8.85 -4.60 5.72
N GLU A 25 7.88 -5.27 5.18
CA GLU A 25 7.60 -5.16 3.73
C GLU A 25 6.96 -3.80 3.43
N LEU A 26 6.72 -3.01 4.44
CA LEU A 26 6.10 -1.66 4.21
C LEU A 26 6.86 -0.91 3.11
N ARG A 27 8.09 -1.26 2.88
CA ARG A 27 8.87 -0.56 1.82
C ARG A 27 8.70 -1.29 0.49
N ALA A 28 8.57 -2.59 0.52
CA ALA A 28 8.40 -3.36 -0.73
C ALA A 28 6.99 -3.16 -1.28
N MET A 29 6.08 -2.71 -0.47
CA MET A 29 4.68 -2.50 -0.96
C MET A 29 4.65 -1.36 -1.97
N GLU A 30 5.56 -0.42 -1.85
CA GLU A 30 5.57 0.72 -2.80
C GLU A 30 5.74 0.21 -4.23
N ALA A 31 6.55 -0.79 -4.42
CA ALA A 31 6.75 -1.33 -5.79
C ALA A 31 5.40 -1.69 -6.42
N LYS A 32 4.62 -2.51 -5.75
CA LYS A 32 3.30 -2.89 -6.30
C LYS A 32 2.44 -1.65 -6.52
N LEU A 33 2.54 -0.69 -5.66
CA LEU A 33 1.72 0.55 -5.81
C LEU A 33 1.95 1.15 -7.19
N LYS A 34 3.20 1.31 -7.58
CA LYS A 34 3.49 1.90 -8.92
C LYS A 34 2.95 1.00 -10.02
N ALA A 35 2.81 -0.28 -9.74
CA ALA A 35 2.28 -1.21 -10.78
C ALA A 35 0.77 -1.05 -10.90
N GLU A 36 0.12 -0.65 -9.85
CA GLU A 36 -1.37 -0.49 -9.90
C GLU A 36 -1.71 0.82 -10.63
N ILE A 37 -0.94 1.85 -10.42
CA ILE A 37 -1.24 3.15 -11.10
C ILE A 37 -1.46 2.90 -12.59
N GLN A 38 -0.73 1.97 -13.17
CA GLN A 38 -0.90 1.69 -14.61
C GLN A 38 -2.38 1.47 -14.93
N LYS A 39 -2.99 0.48 -14.33
CA LYS A 39 -4.43 0.22 -14.59
C LYS A 39 -5.22 1.51 -14.42
N ASP A 2 -1.18 -3.72 14.41
CA ASP A 2 -2.24 -3.94 13.38
C ASP A 2 -2.72 -2.60 12.83
N TRP A 3 -2.78 -1.59 13.66
CA TRP A 3 -3.24 -0.25 13.18
C TRP A 3 -2.44 0.17 11.96
N LEU A 4 -1.19 -0.19 11.91
CA LEU A 4 -0.34 0.20 10.76
C LEU A 4 -0.98 -0.26 9.45
N LYS A 5 -1.55 -1.43 9.44
CA LYS A 5 -2.18 -1.93 8.18
C LYS A 5 -3.15 -0.87 7.65
N ALA A 6 -3.80 -0.16 8.53
CA ALA A 6 -4.77 0.88 8.08
C ALA A 6 -4.02 2.16 7.69
N ARG A 7 -2.94 2.45 8.36
CA ARG A 7 -2.18 3.69 8.03
C ARG A 7 -1.12 3.40 6.96
N VAL A 8 -1.05 2.17 6.51
CA VAL A 8 -0.03 1.84 5.46
C VAL A 8 -0.65 2.05 4.07
N GLU A 9 -1.63 1.25 3.73
CA GLU A 9 -2.26 1.39 2.39
C GLU A 9 -2.63 2.85 2.13
N GLN A 10 -3.05 3.55 3.15
CA GLN A 10 -3.43 4.98 2.97
C GLN A 10 -2.24 5.75 2.41
N GLU A 11 -1.09 5.60 2.99
CA GLU A 11 0.11 6.33 2.50
C GLU A 11 0.39 5.93 1.04
N LEU A 12 0.42 4.65 0.77
CA LEU A 12 0.70 4.20 -0.62
C LEU A 12 -0.59 4.21 -1.45
N GLN A 13 -1.65 4.72 -0.89
CA GLN A 13 -2.94 4.75 -1.67
C GLN A 13 -2.89 5.89 -2.69
N ALA A 14 -2.57 7.07 -2.26
CA ALA A 14 -2.50 8.21 -3.21
C ALA A 14 -1.53 7.89 -4.34
N LEU A 15 -0.60 7.00 -4.10
CA LEU A 15 0.38 6.64 -5.17
C LEU A 15 -0.36 6.15 -6.42
N GLU A 16 -1.29 5.25 -6.24
CA GLU A 16 -2.04 4.74 -7.42
C GLU A 16 -3.23 5.66 -7.70
N ALA A 17 -3.49 6.60 -6.85
CA ALA A 17 -4.63 7.54 -7.07
C ALA A 17 -4.30 8.46 -8.25
N ARG A 18 -3.15 9.06 -8.24
CA ARG A 18 -2.78 9.98 -9.36
C ARG A 18 -1.81 9.27 -10.29
N GLY A 19 -2.14 8.09 -10.74
CA GLY A 19 -1.24 7.35 -11.65
C GLY A 19 -1.90 6.05 -12.09
N THR A 20 -2.34 5.97 -13.31
CA THR A 20 -3.01 4.73 -13.80
C THR A 20 -1.97 3.79 -14.39
N ASP A 21 -0.74 3.90 -13.95
CA ASP A 21 0.33 3.01 -14.49
C ASP A 21 0.70 1.98 -13.43
N SER A 22 -0.26 1.29 -12.88
CA SER A 22 0.04 0.28 -11.85
C SER A 22 -1.26 -0.43 -11.44
N ASN A 23 -2.16 -0.64 -12.37
CA ASN A 23 -3.44 -1.31 -12.03
C ASN A 23 -3.27 -2.81 -12.17
N ALA A 24 -2.06 -3.28 -12.22
CA ALA A 24 -1.81 -4.72 -12.35
C ALA A 24 -0.92 -5.20 -11.18
N GLU A 25 0.08 -4.44 -10.85
CA GLU A 25 0.98 -4.85 -9.74
C GLU A 25 0.30 -4.56 -8.40
N LEU A 26 -0.90 -4.07 -8.42
CA LEU A 26 -1.60 -3.77 -7.13
C LEU A 26 -1.56 -5.00 -6.23
N ARG A 27 -1.64 -6.17 -6.80
CA ARG A 27 -1.60 -7.41 -5.96
C ARG A 27 -0.19 -7.59 -5.40
N ALA A 28 0.81 -7.38 -6.21
CA ALA A 28 2.21 -7.54 -5.72
C ALA A 28 2.45 -6.60 -4.54
N MET A 29 1.78 -5.48 -4.52
CA MET A 29 1.97 -4.50 -3.40
C MET A 29 1.52 -5.15 -2.09
N GLU A 30 0.55 -6.03 -2.15
CA GLU A 30 0.08 -6.70 -0.91
C GLU A 30 1.20 -7.56 -0.33
N ALA A 31 1.88 -8.31 -1.16
CA ALA A 31 2.98 -9.15 -0.65
C ALA A 31 4.00 -8.30 0.09
N LYS A 32 4.53 -7.29 -0.56
CA LYS A 32 5.53 -6.41 0.10
C LYS A 32 4.87 -5.72 1.30
N LEU A 33 3.57 -5.58 1.28
CA LEU A 33 2.87 -4.92 2.41
C LEU A 33 3.22 -5.63 3.72
N LYS A 34 3.09 -6.93 3.76
CA LYS A 34 3.42 -7.67 5.00
C LYS A 34 4.82 -7.29 5.48
N ALA A 35 5.70 -6.95 4.58
CA ALA A 35 7.08 -6.57 4.99
C ALA A 35 7.03 -5.23 5.74
N GLU A 36 6.20 -4.33 5.32
CA GLU A 36 6.11 -3.01 6.00
C GLU A 36 5.45 -3.19 7.38
N ILE A 37 4.41 -3.97 7.45
CA ILE A 37 3.73 -4.17 8.77
C ILE A 37 4.72 -4.77 9.77
N GLN A 38 5.49 -5.72 9.35
CA GLN A 38 6.48 -6.35 10.28
C GLN A 38 7.34 -5.25 10.92
N LYS A 39 8.18 -4.61 10.16
CA LYS A 39 9.04 -3.54 10.73
C LYS A 39 8.15 -2.50 11.43
N ASP A 2 0.42 -11.84 8.11
CA ASP A 2 -0.66 -11.42 7.17
C ASP A 2 -1.27 -10.12 7.66
N TRP A 3 -1.52 -10.00 8.94
CA TRP A 3 -2.12 -8.77 9.47
C TRP A 3 -1.26 -7.56 9.10
N LEU A 4 0.01 -7.77 8.91
CA LEU A 4 0.91 -6.63 8.56
C LEU A 4 0.44 -6.01 7.24
N LYS A 5 -0.03 -6.81 6.32
CA LYS A 5 -0.51 -6.22 5.03
C LYS A 5 -1.42 -5.04 5.37
N ALA A 6 -2.14 -5.16 6.45
CA ALA A 6 -3.03 -4.04 6.87
C ALA A 6 -2.16 -2.94 7.49
N ARG A 7 -1.17 -3.33 8.25
CA ARG A 7 -0.27 -2.32 8.88
C ARG A 7 0.27 -1.38 7.80
N VAL A 8 0.52 -1.88 6.62
CA VAL A 8 1.06 -1.04 5.54
C VAL A 8 -0.09 -0.40 4.75
N GLU A 9 -1.24 -1.02 4.76
CA GLU A 9 -2.39 -0.45 4.00
C GLU A 9 -2.87 0.84 4.66
N GLN A 10 -2.82 0.91 5.97
CA GLN A 10 -3.27 2.14 6.67
C GLN A 10 -2.34 3.31 6.32
N GLU A 11 -1.06 3.12 6.46
CA GLU A 11 -0.10 4.21 6.15
C GLU A 11 -0.23 4.60 4.68
N LEU A 12 -0.30 3.64 3.81
CA LEU A 12 -0.42 3.95 2.35
C LEU A 12 -1.82 4.51 2.05
N GLN A 13 -2.74 4.36 2.97
CA GLN A 13 -4.12 4.88 2.74
C GLN A 13 -4.10 6.40 2.70
N ALA A 14 -3.33 7.02 3.55
CA ALA A 14 -3.27 8.51 3.58
C ALA A 14 -2.74 9.02 2.24
N LEU A 15 -1.87 8.28 1.61
CA LEU A 15 -1.32 8.73 0.29
C LEU A 15 -2.43 8.74 -0.76
N GLU A 16 -3.20 7.70 -0.82
CA GLU A 16 -4.31 7.65 -1.83
C GLU A 16 -5.19 8.89 -1.68
N ALA A 17 -5.45 9.31 -0.47
CA ALA A 17 -6.30 10.51 -0.27
C ALA A 17 -5.66 11.72 -0.96
N ARG A 18 -4.36 11.80 -0.94
CA ARG A 18 -3.67 12.95 -1.60
C ARG A 18 -2.77 12.43 -2.71
N GLY A 19 -3.25 11.53 -3.52
CA GLY A 19 -2.42 10.98 -4.63
C GLY A 19 -2.88 11.59 -5.96
N THR A 20 -3.87 12.43 -5.93
CA THR A 20 -4.35 13.05 -7.20
C THR A 20 -4.98 11.97 -8.08
N ASP A 21 -6.15 11.51 -7.72
CA ASP A 21 -6.82 10.46 -8.54
C ASP A 21 -5.89 9.26 -8.68
N SER A 22 -5.35 8.78 -7.59
CA SER A 22 -4.44 7.61 -7.67
C SER A 22 -5.25 6.32 -7.60
N ASN A 23 -6.23 6.17 -8.46
CA ASN A 23 -7.05 4.94 -8.45
C ASN A 23 -6.60 4.00 -9.57
N ALA A 24 -5.45 4.26 -10.11
CA ALA A 24 -4.93 3.40 -11.21
C ALA A 24 -3.59 2.80 -10.79
N GLU A 25 -2.70 3.61 -10.30
CA GLU A 25 -1.37 3.10 -9.88
C GLU A 25 -1.53 2.18 -8.67
N LEU A 26 -2.71 2.13 -8.10
CA LEU A 26 -2.93 1.25 -6.92
C LEU A 26 -2.34 -0.13 -7.19
N ARG A 27 -2.40 -0.59 -8.41
CA ARG A 27 -1.84 -1.93 -8.74
C ARG A 27 -0.34 -1.95 -8.46
N ALA A 28 0.38 -0.97 -8.94
CA ALA A 28 1.85 -0.92 -8.70
C ALA A 28 2.12 -0.89 -7.20
N MET A 29 1.49 0.00 -6.49
CA MET A 29 1.72 0.07 -5.02
C MET A 29 1.34 -1.27 -4.37
N GLU A 30 0.45 -2.00 -4.97
CA GLU A 30 0.04 -3.31 -4.40
C GLU A 30 1.19 -4.30 -4.54
N ALA A 31 1.93 -4.24 -5.61
CA ALA A 31 3.06 -5.17 -5.80
C ALA A 31 4.12 -4.94 -4.72
N LYS A 32 4.64 -3.75 -4.64
CA LYS A 32 5.67 -3.45 -3.61
C LYS A 32 5.10 -3.72 -2.22
N LEU A 33 3.81 -3.68 -2.07
CA LEU A 33 3.20 -3.93 -0.72
C LEU A 33 3.78 -5.22 -0.14
N LYS A 34 3.59 -6.33 -0.80
CA LYS A 34 4.12 -7.61 -0.27
C LYS A 34 5.63 -7.51 -0.08
N ALA A 35 6.28 -6.67 -0.86
CA ALA A 35 7.76 -6.53 -0.72
C ALA A 35 8.09 -5.92 0.65
N GLU A 36 7.25 -5.04 1.14
CA GLU A 36 7.52 -4.42 2.47
C GLU A 36 7.24 -5.43 3.58
N ILE A 37 6.11 -6.08 3.53
CA ILE A 37 5.77 -7.07 4.59
C ILE A 37 6.94 -8.04 4.76
N GLN A 38 7.64 -8.34 3.71
CA GLN A 38 8.80 -9.28 3.81
C GLN A 38 9.81 -8.71 4.80
N LYS A 39 10.22 -7.48 4.62
CA LYS A 39 11.21 -6.88 5.55
C LYS A 39 10.59 -6.73 6.94
#